data_6NXV
#
_entry.id   6NXV
#
_cell.length_a   87.159
_cell.length_b   105.500
_cell.length_c   124.320
_cell.angle_alpha   90.000
_cell.angle_beta   90.000
_cell.angle_gamma   90.000
#
_symmetry.space_group_name_H-M   'P 21 21 21'
#
loop_
_entity.id
_entity.type
_entity.pdbx_description
1 polymer 'Glutathione S-transferase'
2 non-polymer 'CHLORIDE ION'
3 non-polymer 'DIMETHYL SULFOXIDE'
4 water water
#
_entity_poly.entity_id   1
_entity_poly.type   'polypeptide(L)'
_entity_poly.pdbx_seq_one_letter_code
;MPAITIWGRRNSSNVRKALWCAEEAGVAYTSIEVGGAFGGNDTPAYRALNPNGVVPTLQDGALVLWESNAIVRYLAAQYA
PALYPQAPAERALGDRWMDWTTSTFAGVFRDLFWGVVRTPEAERDHARIAAALTQSGELLARADAALAQQPYLSGGRFAM
GDIPLGSFIYAWFEMPIERPELPHLQAWYARLRVRPAYQRGVMTALT
;
_entity_poly.pdbx_strand_id   A,B,C,D
#
loop_
_chem_comp.id
_chem_comp.type
_chem_comp.name
_chem_comp.formula
CL non-polymer 'CHLORIDE ION' 'Cl -1'
DMS non-polymer 'DIMETHYL SULFOXIDE' 'C2 H6 O S'
#
# COMPACT_ATOMS: atom_id res chain seq x y z
N MET A 1 38.20 11.90 15.14
CA MET A 1 36.87 11.62 15.67
C MET A 1 36.22 10.47 14.89
N PRO A 2 35.77 9.44 15.61
CA PRO A 2 35.20 8.26 14.95
C PRO A 2 33.91 8.59 14.20
N ALA A 3 33.47 7.63 13.37
CA ALA A 3 32.25 7.84 12.60
C ALA A 3 31.00 7.66 13.44
N ILE A 4 31.07 6.84 14.49
CA ILE A 4 29.91 6.48 15.30
C ILE A 4 29.89 7.34 16.55
N THR A 5 28.74 7.91 16.87
CA THR A 5 28.57 8.77 18.04
C THR A 5 27.32 8.34 18.78
N ILE A 6 27.42 8.22 20.10
CA ILE A 6 26.30 7.81 20.93
C ILE A 6 26.08 8.90 21.97
N TRP A 7 25.12 9.77 21.72
CA TRP A 7 24.68 10.74 22.72
C TRP A 7 23.86 10.03 23.79
N GLY A 8 23.96 10.55 25.02
CA GLY A 8 23.12 10.07 26.10
C GLY A 8 23.87 9.75 27.38
N ARG A 9 23.14 9.81 28.49
CA ARG A 9 23.73 9.59 29.81
C ARG A 9 24.11 8.13 29.99
N ARG A 10 25.29 7.90 30.57
CA ARG A 10 25.80 6.54 30.70
C ARG A 10 25.06 5.73 31.76
N ASN A 11 24.26 6.37 32.63
CA ASN A 11 23.53 5.66 33.67
C ASN A 11 22.10 5.34 33.27
N SER A 12 21.81 5.33 31.96
CA SER A 12 20.51 4.96 31.43
C SER A 12 20.59 3.52 30.93
N SER A 13 19.59 2.71 31.29
CA SER A 13 19.58 1.34 30.79
C SER A 13 19.50 1.30 29.27
N ASN A 14 18.71 2.19 28.67
CA ASN A 14 18.66 2.29 27.22
C ASN A 14 20.05 2.59 26.64
N VAL A 15 20.77 3.54 27.22
CA VAL A 15 22.10 3.88 26.71
C VAL A 15 23.08 2.73 26.97
N ARG A 16 22.91 2.00 28.07
CA ARG A 16 23.73 0.83 28.30
C ARG A 16 23.60 -0.16 27.15
N LYS A 17 22.38 -0.33 26.63
CA LYS A 17 22.13 -1.22 25.50
C LYS A 17 23.01 -0.85 24.30
N ALA A 18 22.94 0.41 23.87
CA ALA A 18 23.73 0.85 22.73
C ALA A 18 25.23 0.78 23.03
N LEU A 19 25.63 1.22 24.23
CA LEU A 19 27.04 1.14 24.60
C LEU A 19 27.53 -0.29 24.61
N TRP A 20 26.80 -1.18 25.29
CA TRP A 20 27.24 -2.58 25.38
C TRP A 20 27.39 -3.19 23.99
N CYS A 21 26.38 -3.00 23.14
CA CYS A 21 26.41 -3.56 21.80
C CYS A 21 27.57 -3.00 20.99
N ALA A 22 27.76 -1.67 21.05
CA ALA A 22 28.91 -1.05 20.40
C ALA A 22 30.20 -1.64 20.92
N GLU A 23 30.29 -1.85 22.24
CA GLU A 23 31.47 -2.47 22.81
C GLU A 23 31.62 -3.91 22.34
N GLU A 24 30.49 -4.63 22.20
CA GLU A 24 30.54 -6.01 21.72
C GLU A 24 31.05 -6.10 20.29
N ALA A 25 30.81 -5.06 19.48
CA ALA A 25 31.21 -5.11 18.08
C ALA A 25 32.69 -4.80 17.88
N GLY A 26 33.28 -3.99 18.74
CA GLY A 26 34.65 -3.57 18.58
C GLY A 26 34.84 -2.27 17.83
N VAL A 27 33.76 -1.64 17.35
CA VAL A 27 33.89 -0.42 16.58
C VAL A 27 34.50 0.70 17.42
N ALA A 28 35.13 1.66 16.73
CA ALA A 28 35.49 2.93 17.35
C ALA A 28 34.27 3.82 17.39
N TYR A 29 34.08 4.50 18.52
CA TYR A 29 32.88 5.31 18.67
C TYR A 29 33.12 6.37 19.73
N THR A 30 32.24 7.35 19.74
CA THR A 30 32.28 8.46 20.68
C THR A 30 31.02 8.42 21.53
N SER A 31 31.18 8.70 22.82
CA SER A 31 30.05 8.76 23.73
C SER A 31 30.00 10.17 24.32
N ILE A 32 28.97 10.93 23.98
CA ILE A 32 28.83 12.31 24.43
C ILE A 32 27.74 12.36 25.50
N GLU A 33 28.07 12.96 26.65
CA GLU A 33 27.15 13.08 27.77
C GLU A 33 27.32 14.45 28.43
N VAL A 34 26.23 14.95 29.02
CA VAL A 34 26.20 16.24 29.68
C VAL A 34 26.19 16.04 31.19
N GLY A 35 26.98 16.85 31.90
CA GLY A 35 27.07 16.75 33.34
C GLY A 35 26.98 18.12 33.99
N GLY A 36 26.91 18.10 35.32
CA GLY A 36 26.76 19.32 36.10
C GLY A 36 25.48 20.07 35.80
N ASN A 52 21.14 14.72 19.89
CA ASN A 52 20.81 14.35 21.28
C ASN A 52 19.32 14.52 21.56
N GLY A 53 18.48 14.25 20.55
CA GLY A 53 17.05 14.44 20.66
C GLY A 53 16.31 13.39 21.46
N VAL A 54 17.01 12.41 22.02
CA VAL A 54 16.39 11.34 22.81
C VAL A 54 17.43 10.60 23.65
N VAL A 55 16.95 9.73 24.52
CA VAL A 55 17.72 9.06 25.56
C VAL A 55 19.03 8.53 24.96
N PRO A 56 19.08 7.48 24.11
CA PRO A 56 20.27 7.37 23.24
C PRO A 56 20.02 7.83 21.80
N THR A 57 20.99 8.52 21.22
CA THR A 57 20.95 8.91 19.82
C THR A 57 22.20 8.37 19.15
N LEU A 58 22.01 7.48 18.17
CA LEU A 58 23.11 6.88 17.43
C LEU A 58 23.20 7.56 16.07
N GLN A 59 24.31 8.25 15.82
CA GLN A 59 24.61 8.77 14.50
C GLN A 59 25.76 7.98 13.92
N ASP A 60 25.56 7.40 12.74
CA ASP A 60 26.59 6.70 12.00
C ASP A 60 26.48 7.18 10.56
N GLY A 61 27.42 8.05 10.17
CA GLY A 61 27.31 8.67 8.86
C GLY A 61 26.05 9.50 8.77
N ALA A 62 25.27 9.27 7.71
CA ALA A 62 24.01 9.96 7.55
C ALA A 62 22.90 9.38 8.41
N LEU A 63 23.07 8.16 8.92
CA LEU A 63 22.04 7.48 9.69
C LEU A 63 21.99 8.03 11.12
N VAL A 64 20.78 8.34 11.58
CA VAL A 64 20.51 8.85 12.92
C VAL A 64 19.35 8.04 13.51
N LEU A 65 19.57 7.46 14.68
CA LEU A 65 18.53 6.73 15.39
C LEU A 65 18.43 7.25 16.81
N TRP A 66 17.20 7.31 17.32
CA TRP A 66 16.95 7.67 18.70
C TRP A 66 16.02 6.64 19.34
N GLU A 67 16.33 5.36 19.13
CA GLU A 67 15.52 4.27 19.64
C GLU A 67 16.38 3.05 19.95
N SER A 68 16.24 2.49 21.16
CA SER A 68 17.26 1.63 21.77
C SER A 68 17.42 0.30 21.04
N ASN A 69 16.34 -0.48 20.94
CA ASN A 69 16.48 -1.83 20.38
C ASN A 69 16.78 -1.81 18.90
N ALA A 70 16.44 -0.72 18.20
CA ALA A 70 16.84 -0.60 16.82
C ALA A 70 18.34 -0.31 16.71
N ILE A 71 18.88 0.48 17.65
CA ILE A 71 20.32 0.72 17.65
C ILE A 71 21.07 -0.58 17.87
N VAL A 72 20.69 -1.33 18.91
CA VAL A 72 21.30 -2.64 19.15
C VAL A 72 21.20 -3.51 17.91
N ARG A 73 20.03 -3.47 17.26
CA ARG A 73 19.82 -4.34 16.10
C ARG A 73 20.62 -3.86 14.90
N TYR A 74 20.86 -2.56 14.77
CA TYR A 74 21.62 -2.05 13.64
C TYR A 74 23.11 -2.34 13.81
N LEU A 75 23.67 -2.01 14.97
CA LEU A 75 25.10 -2.22 15.17
C LEU A 75 25.47 -3.70 15.14
N ALA A 76 24.56 -4.58 15.56
CA ALA A 76 24.83 -6.01 15.44
C ALA A 76 24.86 -6.43 13.98
N ALA A 77 23.83 -6.09 13.21
CA ALA A 77 23.78 -6.51 11.82
C ALA A 77 24.90 -5.91 11.00
N GLN A 78 25.37 -4.72 11.37
CA GLN A 78 26.33 -3.96 10.56
C GLN A 78 27.77 -4.17 10.98
N TYR A 79 28.03 -4.51 12.24
CA TYR A 79 29.39 -4.59 12.74
C TYR A 79 29.71 -5.85 13.54
N ALA A 80 28.70 -6.57 14.02
CA ALA A 80 28.90 -7.72 14.90
C ALA A 80 27.96 -8.83 14.47
N PRO A 81 28.14 -9.37 13.26
CA PRO A 81 27.14 -10.31 12.74
C PRO A 81 27.01 -11.59 13.56
N ALA A 82 28.01 -11.91 14.39
CA ALA A 82 27.84 -13.06 15.27
C ALA A 82 26.67 -12.87 16.23
N LEU A 83 26.35 -11.62 16.54
CA LEU A 83 25.20 -11.31 17.39
C LEU A 83 23.90 -11.24 16.60
N TYR A 84 23.96 -11.29 15.27
CA TYR A 84 22.79 -11.11 14.40
C TYR A 84 22.56 -12.40 13.62
N PRO A 85 21.80 -13.34 14.17
CA PRO A 85 21.64 -14.64 13.50
C PRO A 85 21.02 -14.48 12.12
N GLN A 86 21.57 -15.23 11.16
CA GLN A 86 21.19 -15.04 9.76
C GLN A 86 19.81 -15.61 9.45
N ALA A 87 19.42 -16.70 10.10
CA ALA A 87 18.13 -17.32 9.84
C ALA A 87 17.01 -16.57 10.55
N PRO A 88 16.01 -16.05 9.84
CA PRO A 88 14.91 -15.34 10.52
C PRO A 88 14.25 -16.12 11.65
N ALA A 89 14.11 -17.43 11.50
CA ALA A 89 13.47 -18.23 12.55
C ALA A 89 14.34 -18.27 13.82
N GLU A 90 15.66 -18.34 13.66
CA GLU A 90 16.54 -18.30 14.82
C GLU A 90 16.59 -16.91 15.42
N ARG A 91 16.64 -15.89 14.57
CA ARG A 91 16.60 -14.51 15.05
C ARG A 91 15.37 -14.23 15.91
N ALA A 92 14.25 -14.88 15.60
CA ALA A 92 13.00 -14.55 16.29
C ALA A 92 13.05 -14.93 17.76
N LEU A 93 13.85 -15.94 18.12
CA LEU A 93 13.91 -16.38 19.51
C LEU A 93 14.39 -15.25 20.42
N GLY A 94 15.40 -14.50 19.99
CA GLY A 94 15.93 -13.40 20.78
C GLY A 94 15.21 -12.10 20.50
N ASP A 95 14.80 -11.90 19.25
CA ASP A 95 14.08 -10.68 18.88
C ASP A 95 12.77 -10.54 19.65
N ARG A 96 12.11 -11.66 19.96
CA ARG A 96 10.91 -11.57 20.76
C ARG A 96 11.20 -11.06 22.16
N TRP A 97 12.40 -11.28 22.68
CA TRP A 97 12.75 -10.75 23.99
C TRP A 97 13.18 -9.30 23.95
N MET A 98 13.60 -8.81 22.79
CA MET A 98 13.92 -7.39 22.67
C MET A 98 12.68 -6.53 22.80
N ASP A 99 11.62 -6.87 22.04
CA ASP A 99 10.39 -6.09 22.17
C ASP A 99 9.73 -6.33 23.51
N TRP A 100 9.78 -7.56 24.03
CA TRP A 100 9.16 -7.84 25.31
C TRP A 100 9.70 -6.92 26.41
N THR A 101 11.02 -6.74 26.42
CA THR A 101 11.63 -5.82 27.39
C THR A 101 11.06 -4.42 27.26
N THR A 102 10.82 -3.97 26.03
CA THR A 102 10.31 -2.62 25.79
C THR A 102 8.78 -2.55 25.95
N SER A 103 8.07 -3.56 25.47
CA SER A 103 6.61 -3.50 25.51
C SER A 103 6.06 -3.82 26.89
N THR A 104 6.75 -4.62 27.68
CA THR A 104 6.12 -5.19 28.86
C THR A 104 6.87 -4.91 30.15
N PHE A 105 8.20 -4.92 30.12
CA PHE A 105 8.98 -4.84 31.34
C PHE A 105 9.47 -3.43 31.66
N ALA A 106 9.92 -2.67 30.65
CA ALA A 106 10.58 -1.39 30.90
C ALA A 106 9.73 -0.46 31.75
N GLY A 107 8.53 -0.13 31.27
CA GLY A 107 7.70 0.82 31.98
C GLY A 107 7.41 0.39 33.41
N VAL A 108 7.10 -0.89 33.60
CA VAL A 108 6.94 -1.45 34.94
C VAL A 108 8.20 -1.23 35.76
N PHE A 109 9.35 -1.61 35.20
CA PHE A 109 10.61 -1.54 35.95
C PHE A 109 11.06 -0.10 36.13
N ARG A 110 10.80 0.77 35.16
CA ARG A 110 11.26 2.15 35.27
C ARG A 110 10.71 2.83 36.51
N ASP A 111 9.44 2.57 36.84
CA ASP A 111 8.86 3.18 38.03
C ASP A 111 9.56 2.70 39.29
N LEU A 112 9.77 1.39 39.40
CA LEU A 112 10.47 0.86 40.56
C LEU A 112 11.82 1.50 40.73
N PHE A 113 12.61 1.53 39.66
CA PHE A 113 13.96 2.11 39.73
C PHE A 113 13.90 3.57 40.14
N TRP A 114 13.01 4.34 39.53
CA TRP A 114 12.88 5.75 39.90
C TRP A 114 12.49 5.91 41.36
N GLY A 115 11.66 5.00 41.89
CA GLY A 115 11.24 5.09 43.27
C GLY A 115 12.38 4.90 44.26
N VAL A 116 13.25 3.92 44.01
CA VAL A 116 14.22 3.53 45.03
C VAL A 116 15.57 4.23 44.91
N VAL A 117 15.87 4.86 43.77
CA VAL A 117 17.23 5.39 43.58
C VAL A 117 17.20 6.90 43.36
N ARG A 118 16.12 7.42 42.79
CA ARG A 118 16.14 8.80 42.31
C ARG A 118 15.16 9.74 43.00
N THR A 119 14.16 9.24 43.71
CA THR A 119 13.50 10.18 44.60
C THR A 119 14.32 10.34 45.88
N PRO A 120 14.51 11.59 46.36
CA PRO A 120 15.61 11.85 47.30
C PRO A 120 15.54 11.10 48.62
N GLU A 121 14.45 11.27 49.37
CA GLU A 121 14.34 10.74 50.73
C GLU A 121 13.24 9.68 50.79
N ALA A 122 13.01 9.16 51.99
CA ALA A 122 11.99 8.15 52.22
C ALA A 122 10.57 8.67 52.02
N GLU A 123 10.42 9.93 51.62
CA GLU A 123 9.13 10.47 51.22
C GLU A 123 8.81 9.92 49.84
N ARG A 124 8.32 8.68 49.84
CA ARG A 124 8.10 7.91 48.62
C ARG A 124 6.73 7.24 48.67
N ASP A 125 6.14 7.05 47.49
CA ASP A 125 4.88 6.33 47.36
C ASP A 125 5.19 4.85 47.61
N HIS A 126 5.23 4.49 48.90
CA HIS A 126 5.57 3.13 49.29
C HIS A 126 4.60 2.11 48.72
N ALA A 127 3.41 2.53 48.29
CA ALA A 127 2.46 1.61 47.67
C ALA A 127 2.77 1.39 46.20
N ARG A 128 3.13 2.45 45.47
CA ARG A 128 3.48 2.30 44.07
C ARG A 128 4.80 1.55 43.91
N ILE A 129 5.76 1.81 44.79
CA ILE A 129 7.03 1.07 44.74
C ILE A 129 6.78 -0.40 45.00
N ALA A 130 6.03 -0.72 46.05
CA ALA A 130 5.74 -2.12 46.36
C ALA A 130 4.96 -2.80 45.26
N ALA A 131 4.18 -2.04 44.48
CA ALA A 131 3.44 -2.63 43.38
C ALA A 131 4.36 -2.96 42.21
N ALA A 132 5.23 -2.03 41.84
CA ALA A 132 6.13 -2.26 40.72
C ALA A 132 7.06 -3.42 41.00
N LEU A 133 7.50 -3.57 42.25
CA LEU A 133 8.39 -4.68 42.61
C LEU A 133 7.71 -6.02 42.39
N THR A 134 6.47 -6.15 42.83
CA THR A 134 5.77 -7.42 42.62
C THR A 134 5.56 -7.68 41.14
N GLN A 135 5.11 -6.67 40.39
CA GLN A 135 4.84 -6.86 38.97
C GLN A 135 6.15 -7.11 38.19
N SER A 136 7.23 -6.42 38.55
CA SER A 136 8.51 -6.70 37.90
C SER A 136 8.98 -8.11 38.19
N GLY A 137 8.78 -8.58 39.42
CA GLY A 137 9.13 -9.95 39.73
C GLY A 137 8.28 -10.94 38.97
N GLU A 138 6.98 -10.67 38.86
CA GLU A 138 6.10 -11.56 38.11
C GLU A 138 6.53 -11.66 36.66
N LEU A 139 6.85 -10.51 36.04
CA LEU A 139 7.26 -10.50 34.63
C LEU A 139 8.61 -11.18 34.45
N LEU A 140 9.59 -10.86 35.31
CA LEU A 140 10.90 -11.46 35.20
C LEU A 140 10.85 -12.96 35.41
N ALA A 141 9.90 -13.44 36.24
CA ALA A 141 9.73 -14.87 36.42
C ALA A 141 9.46 -15.58 35.11
N ARG A 142 8.83 -14.89 34.15
CA ARG A 142 8.63 -15.49 32.84
C ARG A 142 9.94 -15.58 32.07
N ALA A 143 10.84 -14.60 32.25
CA ALA A 143 12.14 -14.70 31.61
C ALA A 143 13.02 -15.74 32.29
N ASP A 144 12.83 -15.93 33.60
CA ASP A 144 13.54 -16.98 34.32
C ASP A 144 13.16 -18.37 33.80
N ALA A 145 11.89 -18.54 33.40
CA ALA A 145 11.46 -19.82 32.88
C ALA A 145 12.06 -20.08 31.49
N ALA A 146 12.15 -19.04 30.66
CA ALA A 146 12.78 -19.20 29.36
C ALA A 146 14.25 -19.54 29.51
N LEU A 147 14.92 -18.95 30.50
CA LEU A 147 16.32 -19.23 30.72
C LEU A 147 16.55 -20.58 31.38
N ALA A 148 15.48 -21.26 31.83
CA ALA A 148 15.61 -22.61 32.34
C ALA A 148 15.57 -23.65 31.22
N GLN A 149 15.12 -23.27 30.03
CA GLN A 149 15.10 -24.15 28.87
C GLN A 149 16.31 -23.97 27.96
N GLN A 150 16.79 -22.75 27.78
CA GLN A 150 17.96 -22.49 26.96
C GLN A 150 18.85 -21.47 27.67
N PRO A 151 20.18 -21.56 27.47
CA PRO A 151 21.09 -20.72 28.28
C PRO A 151 20.96 -19.24 28.01
N TYR A 152 20.44 -18.84 26.85
CA TYR A 152 20.33 -17.42 26.54
C TYR A 152 18.96 -17.12 25.95
N LEU A 153 18.58 -15.85 26.04
CA LEU A 153 17.33 -15.41 25.43
C LEU A 153 17.37 -15.54 23.92
N SER A 154 18.57 -15.46 23.33
CA SER A 154 18.73 -15.57 21.88
C SER A 154 18.86 -17.01 21.41
N GLY A 155 18.82 -17.98 22.31
CA GLY A 155 18.91 -19.38 21.93
C GLY A 155 19.99 -20.13 22.70
N GLY A 156 20.76 -20.95 21.98
CA GLY A 156 21.82 -21.70 22.63
C GLY A 156 23.10 -20.91 22.79
N ARG A 157 23.37 -19.98 21.89
CA ARG A 157 24.50 -19.07 22.02
C ARG A 157 23.98 -17.68 22.40
N PHE A 158 24.90 -16.86 22.90
CA PHE A 158 24.57 -15.46 23.18
C PHE A 158 24.42 -14.71 21.86
N ALA A 159 23.49 -13.78 21.82
CA ALA A 159 23.32 -12.93 20.63
C ALA A 159 22.55 -11.67 21.04
N MET A 160 22.14 -10.89 20.03
CA MET A 160 21.62 -9.55 20.28
C MET A 160 20.35 -9.58 21.12
N GLY A 161 19.60 -10.68 21.10
CA GLY A 161 18.37 -10.75 21.88
C GLY A 161 18.60 -10.64 23.38
N ASP A 162 19.80 -10.96 23.84
CA ASP A 162 20.12 -10.92 25.26
C ASP A 162 20.42 -9.51 25.75
N ILE A 163 20.72 -8.58 24.84
CA ILE A 163 21.26 -7.28 25.21
C ILE A 163 20.21 -6.39 25.87
N PRO A 164 18.98 -6.25 25.35
CA PRO A 164 18.04 -5.32 26.00
C PRO A 164 17.72 -5.68 27.45
N LEU A 165 17.34 -6.92 27.75
CA LEU A 165 17.08 -7.25 29.15
C LEU A 165 18.36 -7.29 29.97
N GLY A 166 19.48 -7.67 29.35
CA GLY A 166 20.74 -7.71 30.06
C GLY A 166 21.14 -6.35 30.61
N SER A 167 20.81 -5.28 29.89
CA SER A 167 21.11 -3.95 30.41
C SER A 167 20.20 -3.58 31.58
N PHE A 168 18.97 -4.07 31.58
CA PHE A 168 18.09 -3.79 32.72
C PHE A 168 18.43 -4.67 33.90
N ILE A 169 18.79 -5.94 33.64
CA ILE A 169 18.98 -6.89 34.72
C ILE A 169 20.13 -6.48 35.62
N TYR A 170 21.07 -5.68 35.09
CA TYR A 170 22.13 -5.14 35.94
C TYR A 170 21.53 -4.33 37.08
N ALA A 171 20.67 -3.38 36.77
CA ALA A 171 20.04 -2.57 37.80
C ALA A 171 19.08 -3.39 38.65
N TRP A 172 18.49 -4.45 38.08
CA TRP A 172 17.59 -5.28 38.86
C TRP A 172 18.31 -5.93 40.03
N PHE A 173 19.51 -6.45 39.80
CA PHE A 173 20.22 -7.20 40.80
C PHE A 173 21.06 -6.35 41.74
N GLU A 174 21.32 -5.08 41.41
CA GLU A 174 22.16 -4.21 42.23
C GLU A 174 21.38 -3.17 43.01
N MET A 175 20.07 -3.10 42.86
CA MET A 175 19.29 -2.20 43.68
C MET A 175 19.05 -2.80 45.07
N PRO A 176 19.01 -1.96 46.11
CA PRO A 176 18.69 -2.46 47.45
C PRO A 176 17.21 -2.78 47.57
N ILE A 177 16.78 -3.84 46.88
CA ILE A 177 15.40 -4.30 46.89
C ILE A 177 15.38 -5.78 47.28
N GLU A 178 14.20 -6.26 47.63
CA GLU A 178 14.00 -7.66 47.99
C GLU A 178 13.59 -8.41 46.74
N ARG A 179 14.55 -9.07 46.11
CA ARG A 179 14.25 -9.78 44.88
C ARG A 179 13.65 -11.16 45.18
N PRO A 180 12.68 -11.61 44.41
CA PRO A 180 12.25 -13.02 44.51
C PRO A 180 13.32 -13.95 43.94
N GLU A 181 13.25 -15.21 44.34
CA GLU A 181 14.23 -16.20 43.91
C GLU A 181 14.01 -16.52 42.43
N LEU A 182 14.97 -16.13 41.58
CA LEU A 182 14.93 -16.41 40.15
C LEU A 182 16.30 -16.94 39.74
N PRO A 183 16.57 -18.24 39.99
CA PRO A 183 17.95 -18.71 39.90
C PRO A 183 18.49 -18.79 38.49
N HIS A 184 17.67 -19.15 37.51
CA HIS A 184 18.17 -19.17 36.13
C HIS A 184 18.49 -17.77 35.65
N LEU A 185 17.61 -16.81 35.96
CA LEU A 185 17.86 -15.42 35.58
C LEU A 185 19.16 -14.92 36.19
N GLN A 186 19.44 -15.30 37.44
CA GLN A 186 20.68 -14.85 38.09
C GLN A 186 21.90 -15.53 37.48
N ALA A 187 21.82 -16.83 37.21
CA ALA A 187 22.95 -17.51 36.58
C ALA A 187 23.25 -16.92 35.21
N TRP A 188 22.19 -16.61 34.46
CA TRP A 188 22.32 -15.85 33.21
C TRP A 188 23.07 -14.55 33.44
N TYR A 189 22.72 -13.83 34.51
CA TYR A 189 23.42 -12.59 34.84
C TYR A 189 24.87 -12.84 35.21
N ALA A 190 25.17 -14.00 35.83
CA ALA A 190 26.54 -14.31 36.18
C ALA A 190 27.39 -14.55 34.94
N ARG A 191 26.80 -15.15 33.90
CA ARG A 191 27.54 -15.36 32.67
C ARG A 191 27.70 -14.05 31.89
N LEU A 192 26.72 -13.15 31.97
CA LEU A 192 26.84 -11.88 31.26
C LEU A 192 28.03 -11.08 31.77
N ARG A 193 28.29 -11.13 33.08
CA ARG A 193 29.37 -10.33 33.66
C ARG A 193 30.75 -10.84 33.28
N VAL A 194 30.87 -12.06 32.73
CA VAL A 194 32.17 -12.51 32.28
C VAL A 194 32.58 -11.78 31.01
N ARG A 195 31.62 -11.26 30.25
CA ARG A 195 31.91 -10.58 28.98
C ARG A 195 32.50 -9.20 29.25
N PRO A 196 33.71 -8.91 28.76
CA PRO A 196 34.30 -7.59 29.02
C PRO A 196 33.51 -6.44 28.42
N ALA A 197 32.87 -6.65 27.27
CA ALA A 197 32.04 -5.58 26.69
C ALA A 197 30.86 -5.28 27.60
N TYR A 198 30.28 -6.30 28.23
CA TYR A 198 29.23 -6.08 29.20
C TYR A 198 29.74 -5.27 30.39
N GLN A 199 30.91 -5.65 30.91
CA GLN A 199 31.48 -4.90 32.04
C GLN A 199 31.72 -3.45 31.68
N ARG A 200 32.11 -3.18 30.42
CA ARG A 200 32.39 -1.81 30.00
C ARG A 200 31.12 -1.07 29.61
N GLY A 201 30.18 -1.75 28.95
CA GLY A 201 29.01 -1.07 28.41
C GLY A 201 27.87 -0.89 29.39
N VAL A 202 27.70 -1.83 30.32
CA VAL A 202 26.53 -1.88 31.18
C VAL A 202 26.87 -1.55 32.63
N MET A 203 27.92 -2.18 33.17
CA MET A 203 28.21 -2.12 34.60
C MET A 203 28.84 -0.78 34.97
N THR A 204 28.05 0.27 34.81
CA THR A 204 28.44 1.63 35.14
C THR A 204 27.81 2.01 36.48
N ALA A 205 28.18 3.19 36.98
CA ALA A 205 27.69 3.65 38.27
C ALA A 205 26.17 3.71 38.29
N LEU A 206 25.57 2.93 39.18
CA LEU A 206 24.11 2.79 39.27
C LEU A 206 23.49 4.01 39.94
N THR A 207 23.69 5.17 39.29
CA THR A 207 23.10 6.42 39.73
C THR A 207 21.72 6.55 39.10
N MET B 1 -2.76 -29.05 5.24
CA MET B 1 -3.50 -27.84 4.87
C MET B 1 -3.11 -26.59 5.71
N PRO B 2 -3.07 -26.69 7.04
CA PRO B 2 -2.69 -25.51 7.83
C PRO B 2 -1.18 -25.36 7.96
N ALA B 3 -0.70 -24.13 7.77
CA ALA B 3 0.72 -23.84 7.85
C ALA B 3 1.06 -22.88 8.98
N ILE B 4 0.43 -21.71 9.03
CA ILE B 4 0.76 -20.66 9.98
C ILE B 4 -0.50 -20.24 10.70
N THR B 5 -0.41 -20.04 12.02
CA THR B 5 -1.58 -19.74 12.84
C THR B 5 -1.34 -18.48 13.65
N ILE B 6 -2.30 -17.56 13.59
CA ILE B 6 -2.24 -16.30 14.33
C ILE B 6 -3.45 -16.27 15.27
N TRP B 7 -3.19 -16.36 16.56
CA TRP B 7 -4.26 -16.27 17.56
C TRP B 7 -4.47 -14.82 17.97
N GLY B 8 -5.73 -14.49 18.24
CA GLY B 8 -6.06 -13.15 18.72
C GLY B 8 -7.20 -12.48 17.99
N ARG B 9 -7.97 -11.68 18.72
CA ARG B 9 -9.12 -10.99 18.15
C ARG B 9 -8.67 -9.95 17.14
N ARG B 10 -9.45 -9.82 16.07
CA ARG B 10 -9.07 -9.00 14.92
C ARG B 10 -9.36 -7.51 15.12
N ASN B 11 -9.71 -7.07 16.33
CA ASN B 11 -9.91 -5.66 16.61
C ASN B 11 -8.78 -5.04 17.41
N SER B 12 -7.78 -5.85 17.79
CA SER B 12 -6.59 -5.35 18.45
C SER B 12 -5.59 -4.86 17.40
N SER B 13 -5.02 -3.68 17.64
CA SER B 13 -4.04 -3.14 16.71
C SER B 13 -2.79 -4.01 16.63
N ASN B 14 -2.47 -4.73 17.72
CA ASN B 14 -1.33 -5.64 17.68
C ASN B 14 -1.60 -6.82 16.77
N VAL B 15 -2.81 -7.40 16.84
CA VAL B 15 -3.15 -8.49 15.92
C VAL B 15 -3.28 -7.97 14.50
N ARG B 16 -3.74 -6.72 14.33
CA ARG B 16 -3.84 -6.15 12.99
C ARG B 16 -2.48 -6.10 12.31
N LYS B 17 -1.40 -5.97 13.09
CA LYS B 17 -0.06 -5.98 12.51
C LYS B 17 0.25 -7.34 11.88
N ALA B 18 0.01 -8.42 12.62
CA ALA B 18 0.37 -9.73 12.11
C ALA B 18 -0.49 -10.09 10.90
N LEU B 19 -1.78 -9.76 10.95
CA LEU B 19 -2.66 -10.06 9.83
C LEU B 19 -2.30 -9.23 8.60
N TRP B 20 -2.01 -7.94 8.79
CA TRP B 20 -1.61 -7.11 7.66
C TRP B 20 -0.33 -7.64 7.03
N CYS B 21 0.66 -7.99 7.86
CA CYS B 21 1.92 -8.50 7.34
C CYS B 21 1.73 -9.83 6.62
N ALA B 22 0.93 -10.73 7.20
CA ALA B 22 0.63 -11.99 6.52
C ALA B 22 -0.03 -11.73 5.17
N GLU B 23 -1.04 -10.88 5.14
CA GLU B 23 -1.69 -10.54 3.88
C GLU B 23 -0.71 -9.94 2.88
N GLU B 24 0.14 -9.01 3.33
CA GLU B 24 1.05 -8.34 2.41
C GLU B 24 2.06 -9.32 1.83
N ALA B 25 2.43 -10.35 2.60
CA ALA B 25 3.33 -11.38 2.12
C ALA B 25 2.64 -12.40 1.23
N GLY B 26 1.32 -12.54 1.36
CA GLY B 26 0.59 -13.52 0.58
C GLY B 26 0.78 -14.94 1.05
N VAL B 27 0.86 -15.14 2.36
CA VAL B 27 1.10 -16.46 2.92
C VAL B 27 -0.24 -17.09 3.28
N ALA B 28 -0.26 -18.41 3.33
CA ALA B 28 -1.44 -19.17 3.72
C ALA B 28 -1.49 -19.22 5.24
N TYR B 29 -2.46 -18.53 5.84
CA TYR B 29 -2.57 -18.47 7.29
C TYR B 29 -4.02 -18.66 7.71
N THR B 30 -4.22 -18.82 9.01
CA THR B 30 -5.52 -19.04 9.59
C THR B 30 -5.62 -18.29 10.92
N SER B 31 -6.52 -17.32 10.99
CA SER B 31 -6.71 -16.50 12.18
C SER B 31 -7.70 -17.16 13.13
N ILE B 32 -7.37 -17.16 14.41
CA ILE B 32 -8.23 -17.72 15.45
C ILE B 32 -8.47 -16.65 16.50
N GLU B 33 -9.73 -16.25 16.64
CA GLU B 33 -10.08 -15.23 17.64
C GLU B 33 -10.61 -15.91 18.90
N VAL B 54 -4.26 -7.50 24.56
CA VAL B 54 -4.27 -7.33 23.10
C VAL B 54 -2.92 -7.74 22.50
N VAL B 55 -2.62 -9.03 22.52
CA VAL B 55 -1.32 -9.53 22.07
C VAL B 55 -1.49 -10.80 21.24
N PRO B 56 -1.02 -10.82 20.00
CA PRO B 56 -1.17 -12.01 19.16
C PRO B 56 -0.12 -13.06 19.47
N THR B 57 -0.43 -14.29 19.06
CA THR B 57 0.51 -15.40 19.11
C THR B 57 0.63 -16.00 17.72
N LEU B 58 1.86 -16.10 17.23
CA LEU B 58 2.16 -16.71 15.95
C LEU B 58 2.71 -18.11 16.18
N GLN B 59 2.26 -19.05 15.35
CA GLN B 59 2.83 -20.41 15.34
C GLN B 59 3.14 -20.77 13.90
N ASP B 60 4.42 -20.92 13.60
CA ASP B 60 4.90 -21.37 12.29
C ASP B 60 5.70 -22.64 12.55
N GLY B 61 5.00 -23.78 12.60
CA GLY B 61 5.67 -25.03 12.92
C GLY B 61 6.20 -25.00 14.35
N ALA B 62 7.47 -25.37 14.50
CA ALA B 62 8.09 -25.38 15.81
C ALA B 62 8.21 -23.98 16.41
N LEU B 63 8.20 -22.95 15.58
CA LEU B 63 8.38 -21.59 16.06
C LEU B 63 7.05 -21.02 16.55
N VAL B 64 7.05 -20.52 17.78
CA VAL B 64 5.91 -19.82 18.35
C VAL B 64 6.38 -18.45 18.85
N LEU B 65 5.74 -17.38 18.37
CA LEU B 65 6.03 -16.02 18.78
C LEU B 65 4.83 -15.36 19.44
N TRP B 66 5.12 -14.43 20.34
CA TRP B 66 4.06 -13.73 21.06
C TRP B 66 4.33 -12.23 21.19
N GLU B 67 5.10 -11.65 20.27
CA GLU B 67 5.44 -10.23 20.32
C GLU B 67 5.26 -9.65 18.93
N SER B 68 4.37 -8.67 18.80
CA SER B 68 3.83 -8.33 17.49
C SER B 68 4.90 -7.76 16.55
N ASN B 69 5.78 -6.89 17.07
CA ASN B 69 6.80 -6.34 16.19
C ASN B 69 7.80 -7.41 15.76
N ALA B 70 8.11 -8.38 16.64
CA ALA B 70 8.95 -9.49 16.23
C ALA B 70 8.25 -10.35 15.18
N ILE B 71 6.93 -10.53 15.33
CA ILE B 71 6.15 -11.27 14.35
C ILE B 71 6.20 -10.58 13.00
N VAL B 72 6.03 -9.25 12.99
CA VAL B 72 6.09 -8.52 11.74
C VAL B 72 7.46 -8.70 11.11
N ARG B 73 8.52 -8.52 11.91
CA ARG B 73 9.87 -8.65 11.38
C ARG B 73 10.17 -10.06 10.90
N TYR B 74 9.63 -11.09 11.57
CA TYR B 74 9.88 -12.45 11.13
C TYR B 74 9.15 -12.75 9.82
N LEU B 75 7.86 -12.41 9.75
CA LEU B 75 7.09 -12.73 8.55
C LEU B 75 7.65 -12.03 7.32
N ALA B 76 8.09 -10.78 7.48
CA ALA B 76 8.68 -10.07 6.34
C ALA B 76 9.98 -10.72 5.91
N ALA B 77 10.86 -11.04 6.87
CA ALA B 77 12.17 -11.58 6.50
C ALA B 77 12.05 -13.00 5.97
N GLN B 78 11.06 -13.77 6.43
CA GLN B 78 10.92 -15.15 6.01
C GLN B 78 10.17 -15.31 4.68
N TYR B 79 9.18 -14.46 4.42
CA TYR B 79 8.29 -14.70 3.28
C TYR B 79 8.18 -13.51 2.33
N ALA B 80 8.36 -12.28 2.83
CA ALA B 80 8.17 -11.08 2.03
C ALA B 80 9.44 -10.25 2.04
N PRO B 81 10.53 -10.76 1.44
CA PRO B 81 11.83 -10.07 1.57
C PRO B 81 11.84 -8.66 1.01
N ALA B 82 10.85 -8.29 0.20
CA ALA B 82 10.74 -6.90 -0.21
C ALA B 82 10.39 -6.00 0.97
N LEU B 83 9.59 -6.51 1.91
CA LEU B 83 9.27 -5.78 3.12
C LEU B 83 10.46 -5.66 4.07
N TYR B 84 11.53 -6.41 3.82
CA TYR B 84 12.68 -6.54 4.73
C TYR B 84 13.93 -6.04 4.02
N PRO B 85 14.28 -4.76 4.15
CA PRO B 85 15.48 -4.25 3.49
C PRO B 85 16.72 -5.00 3.92
N GLN B 86 17.56 -5.35 2.93
CA GLN B 86 18.71 -6.21 3.21
C GLN B 86 19.85 -5.43 3.87
N ALA B 87 20.06 -4.18 3.47
CA ALA B 87 21.10 -3.37 4.09
C ALA B 87 20.67 -2.97 5.49
N PRO B 88 21.49 -3.19 6.52
CA PRO B 88 21.09 -2.81 7.88
C PRO B 88 20.80 -1.32 8.04
N ALA B 89 21.59 -0.47 7.39
CA ALA B 89 21.38 0.97 7.53
C ALA B 89 20.03 1.39 6.96
N GLU B 90 19.63 0.82 5.83
CA GLU B 90 18.31 1.11 5.27
C GLU B 90 17.22 0.45 6.10
N ARG B 91 17.47 -0.77 6.57
CA ARG B 91 16.51 -1.44 7.46
C ARG B 91 16.31 -0.65 8.75
N ALA B 92 17.32 0.10 9.18
CA ALA B 92 17.16 0.89 10.40
C ALA B 92 16.16 2.03 10.23
N LEU B 93 15.90 2.47 9.00
CA LEU B 93 15.03 3.64 8.83
C LEU B 93 13.61 3.35 9.28
N GLY B 94 13.09 2.18 8.95
CA GLY B 94 11.78 1.79 9.41
C GLY B 94 11.82 1.02 10.71
N ASP B 95 12.93 0.33 10.98
CA ASP B 95 13.04 -0.41 12.23
C ASP B 95 12.85 0.51 13.44
N ARG B 96 13.48 1.68 13.42
CA ARG B 96 13.36 2.61 14.53
C ARG B 96 11.90 3.01 14.78
N TRP B 97 11.09 3.09 13.72
CA TRP B 97 9.69 3.46 13.92
C TRP B 97 8.88 2.32 14.50
N MET B 98 9.26 1.08 14.21
CA MET B 98 8.58 -0.07 14.82
C MET B 98 8.65 0.01 16.33
N ASP B 99 9.84 0.28 16.85
CA ASP B 99 10.04 0.38 18.30
C ASP B 99 9.39 1.63 18.87
N TRP B 100 9.48 2.75 18.15
CA TRP B 100 8.83 3.98 18.59
C TRP B 100 7.34 3.76 18.82
N THR B 101 6.70 2.99 17.94
CA THR B 101 5.29 2.67 18.11
C THR B 101 5.02 2.04 19.47
N THR B 102 5.85 1.08 19.86
CA THR B 102 5.62 0.32 21.09
C THR B 102 6.15 1.06 22.32
N SER B 103 7.31 1.70 22.19
CA SER B 103 7.99 2.29 23.33
C SER B 103 7.38 3.62 23.74
N THR B 104 6.81 4.36 22.81
CA THR B 104 6.39 5.73 23.07
C THR B 104 4.92 6.00 22.75
N PHE B 105 4.39 5.44 21.67
CA PHE B 105 3.06 5.84 21.22
C PHE B 105 1.94 4.94 21.74
N ALA B 106 2.13 3.62 21.65
CA ALA B 106 1.06 2.68 21.99
C ALA B 106 0.52 2.89 23.40
N GLY B 107 1.39 3.30 24.33
CA GLY B 107 0.97 3.50 25.71
C GLY B 107 -0.06 4.60 25.87
N VAL B 108 0.27 5.82 25.46
CA VAL B 108 -0.66 6.92 25.65
C VAL B 108 -1.89 6.75 24.77
N PHE B 109 -1.72 6.27 23.54
CA PHE B 109 -2.83 6.20 22.61
C PHE B 109 -3.85 5.17 23.05
N ARG B 110 -3.40 3.99 23.49
CA ARG B 110 -4.33 2.96 23.94
C ARG B 110 -5.26 3.48 25.02
N ASP B 111 -4.79 4.41 25.85
CA ASP B 111 -5.67 5.03 26.83
C ASP B 111 -6.75 5.87 26.15
N LEU B 112 -6.36 6.64 25.13
CA LEU B 112 -7.33 7.45 24.39
C LEU B 112 -8.37 6.57 23.72
N PHE B 113 -7.92 5.51 23.05
CA PHE B 113 -8.84 4.62 22.35
C PHE B 113 -9.80 3.94 23.31
N TRP B 114 -9.29 3.45 24.45
CA TRP B 114 -10.17 2.81 25.42
C TRP B 114 -11.19 3.80 25.97
N GLY B 115 -10.78 5.05 26.19
CA GLY B 115 -11.68 6.02 26.77
C GLY B 115 -12.83 6.38 25.85
N VAL B 116 -12.56 6.51 24.55
CA VAL B 116 -13.57 6.95 23.60
C VAL B 116 -14.35 5.78 23.03
N VAL B 117 -13.64 4.78 22.50
CA VAL B 117 -14.32 3.71 21.78
C VAL B 117 -14.90 2.67 22.72
N ARG B 118 -14.17 2.31 23.78
CA ARG B 118 -14.53 1.15 24.58
C ARG B 118 -15.10 1.52 25.95
N THR B 119 -15.37 2.79 26.20
CA THR B 119 -16.02 3.21 27.44
C THR B 119 -17.34 3.90 27.12
N PRO B 120 -18.44 3.48 27.74
CA PRO B 120 -19.72 4.15 27.46
C PRO B 120 -19.70 5.60 27.93
N GLU B 121 -20.47 6.43 27.22
CA GLU B 121 -20.38 7.89 27.36
C GLU B 121 -20.46 8.34 28.81
N ALA B 122 -21.31 7.71 29.61
CA ALA B 122 -21.57 8.19 30.95
C ALA B 122 -20.46 7.88 31.95
N GLU B 123 -19.48 7.06 31.58
CA GLU B 123 -18.37 6.73 32.47
C GLU B 123 -17.02 7.18 31.93
N ARG B 124 -17.00 8.01 30.88
CA ARG B 124 -15.75 8.50 30.32
C ARG B 124 -15.17 9.61 31.18
N ASP B 125 -13.84 9.58 31.35
CA ASP B 125 -13.10 10.66 32.00
C ASP B 125 -12.55 11.57 30.91
N HIS B 126 -13.28 12.65 30.62
CA HIS B 126 -12.90 13.52 29.51
C HIS B 126 -11.53 14.17 29.74
N ALA B 127 -11.11 14.32 30.99
CA ALA B 127 -9.77 14.88 31.25
C ALA B 127 -8.69 13.89 30.81
N ARG B 128 -8.83 12.62 31.18
CA ARG B 128 -7.90 11.62 30.67
C ARG B 128 -7.94 11.56 29.15
N ILE B 129 -9.15 11.54 28.58
CA ILE B 129 -9.27 11.48 27.12
C ILE B 129 -8.57 12.66 26.47
N ALA B 130 -8.72 13.85 27.06
CA ALA B 130 -8.11 15.04 26.48
C ALA B 130 -6.59 15.01 26.60
N ALA B 131 -6.07 14.58 27.75
CA ALA B 131 -4.62 14.44 27.90
C ALA B 131 -4.06 13.46 26.88
N ALA B 132 -4.67 12.27 26.80
CA ALA B 132 -4.21 11.27 25.84
C ALA B 132 -4.35 11.78 24.41
N LEU B 133 -5.43 12.49 24.11
CA LEU B 133 -5.58 13.03 22.76
C LEU B 133 -4.51 14.07 22.44
N THR B 134 -4.15 14.89 23.43
CA THR B 134 -3.15 15.92 23.19
C THR B 134 -1.76 15.30 23.08
N GLN B 135 -1.42 14.36 23.96
CA GLN B 135 -0.09 13.76 23.92
C GLN B 135 0.08 12.85 22.70
N SER B 136 -0.94 12.04 22.38
CA SER B 136 -0.86 11.23 21.17
C SER B 136 -0.72 12.10 19.93
N GLY B 137 -1.40 13.24 19.89
CA GLY B 137 -1.21 14.17 18.79
C GLY B 137 0.18 14.77 18.75
N GLU B 138 0.73 15.11 19.92
CA GLU B 138 2.08 15.63 19.97
C GLU B 138 3.08 14.64 19.39
N LEU B 139 2.91 13.36 19.71
CA LEU B 139 3.82 12.34 19.21
C LEU B 139 3.66 12.14 17.71
N LEU B 140 2.41 12.09 17.23
CA LEU B 140 2.17 11.84 15.81
C LEU B 140 2.64 12.99 14.94
N ALA B 141 2.71 14.22 15.48
CA ALA B 141 3.31 15.31 14.73
C ALA B 141 4.79 15.08 14.45
N ARG B 142 5.45 14.25 15.26
CA ARG B 142 6.82 13.86 14.97
C ARG B 142 6.86 12.87 13.82
N ALA B 143 5.92 11.92 13.79
CA ALA B 143 5.77 11.06 12.62
C ALA B 143 5.41 11.89 11.40
N ASP B 144 4.48 12.83 11.56
CA ASP B 144 4.05 13.67 10.45
C ASP B 144 5.21 14.42 9.84
N ALA B 145 6.12 14.93 10.67
CA ALA B 145 7.27 15.65 10.16
C ALA B 145 8.19 14.72 9.37
N ALA B 146 8.36 13.48 9.83
CA ALA B 146 9.19 12.53 9.09
C ALA B 146 8.55 12.17 7.75
N LEU B 147 7.22 12.06 7.72
CA LEU B 147 6.54 11.75 6.48
C LEU B 147 6.47 12.95 5.53
N ALA B 148 6.88 14.13 5.96
CA ALA B 148 7.05 15.23 5.02
C ALA B 148 8.35 15.10 4.24
N GLN B 149 9.31 14.36 4.77
CA GLN B 149 10.62 14.20 4.12
C GLN B 149 10.69 12.96 3.24
N GLN B 150 9.90 11.93 3.53
CA GLN B 150 9.94 10.68 2.78
C GLN B 150 8.53 10.12 2.68
N PRO B 151 8.24 9.31 1.66
CA PRO B 151 6.87 8.83 1.48
C PRO B 151 6.44 7.84 2.55
N TYR B 152 7.36 7.05 3.09
CA TYR B 152 7.03 6.04 4.07
C TYR B 152 7.98 6.12 5.26
N LEU B 153 7.53 5.58 6.39
CA LEU B 153 8.40 5.47 7.55
C LEU B 153 9.62 4.61 7.25
N SER B 154 9.45 3.62 6.37
CA SER B 154 10.53 2.73 5.96
C SER B 154 11.50 3.39 4.98
N GLY B 155 11.25 4.62 4.57
CA GLY B 155 12.15 5.31 3.67
C GLY B 155 11.50 5.68 2.35
N GLY B 156 12.16 5.34 1.24
CA GLY B 156 11.65 5.70 -0.07
C GLY B 156 10.57 4.78 -0.60
N ARG B 157 10.51 3.55 -0.10
CA ARG B 157 9.47 2.62 -0.52
C ARG B 157 8.79 2.05 0.72
N PHE B 158 7.61 1.48 0.51
CA PHE B 158 6.90 0.84 1.61
C PHE B 158 7.68 -0.39 2.06
N ALA B 159 7.70 -0.62 3.38
CA ALA B 159 8.37 -1.79 3.94
C ALA B 159 7.91 -1.98 5.37
N MET B 160 8.60 -2.87 6.09
CA MET B 160 8.10 -3.39 7.37
C MET B 160 7.95 -2.30 8.43
N GLY B 161 8.77 -1.25 8.38
CA GLY B 161 8.71 -0.23 9.41
C GLY B 161 7.40 0.54 9.43
N ASP B 162 6.63 0.47 8.35
CA ASP B 162 5.35 1.16 8.31
C ASP B 162 4.24 0.36 8.98
N ILE B 163 4.42 -0.94 9.17
CA ILE B 163 3.32 -1.80 9.61
C ILE B 163 2.91 -1.53 11.05
N PRO B 164 3.84 -1.47 12.03
CA PRO B 164 3.37 -1.26 13.41
C PRO B 164 2.63 0.06 13.61
N LEU B 165 3.17 1.18 13.14
CA LEU B 165 2.42 2.43 13.28
C LEU B 165 1.20 2.46 12.38
N GLY B 166 1.31 1.90 11.17
CA GLY B 166 0.18 1.91 10.25
C GLY B 166 -1.04 1.22 10.82
N SER B 167 -0.84 0.15 11.59
CA SER B 167 -1.98 -0.53 12.21
C SER B 167 -2.66 0.34 13.26
N PHE B 168 -1.92 1.22 13.92
CA PHE B 168 -2.53 2.08 14.93
C PHE B 168 -3.23 3.27 14.30
N ILE B 169 -2.65 3.81 13.23
CA ILE B 169 -3.18 5.02 12.59
C ILE B 169 -4.55 4.78 11.96
N TYR B 170 -4.93 3.51 11.74
CA TYR B 170 -6.31 3.24 11.35
C TYR B 170 -7.27 3.66 12.46
N ALA B 171 -7.02 3.20 13.68
CA ALA B 171 -7.83 3.63 14.81
C ALA B 171 -7.75 5.14 15.01
N TRP B 172 -6.59 5.74 14.76
CA TRP B 172 -6.43 7.17 14.96
C TRP B 172 -7.39 7.95 14.06
N PHE B 173 -7.28 7.74 12.74
CA PHE B 173 -8.04 8.54 11.78
C PHE B 173 -9.51 8.17 11.71
N GLU B 174 -9.90 6.98 12.15
CA GLU B 174 -11.26 6.50 11.95
C GLU B 174 -12.10 6.46 13.22
N MET B 175 -11.60 6.94 14.34
CA MET B 175 -12.37 6.99 15.57
C MET B 175 -13.02 8.36 15.75
N PRO B 176 -14.11 8.44 16.54
CA PRO B 176 -14.88 9.71 16.59
C PRO B 176 -14.24 10.76 17.49
N ILE B 177 -13.16 11.36 17.01
CA ILE B 177 -12.45 12.38 17.77
C ILE B 177 -12.10 13.53 16.85
N GLU B 178 -11.95 14.71 17.44
CA GLU B 178 -11.43 15.88 16.74
C GLU B 178 -9.92 15.84 16.86
N ARG B 179 -9.26 15.48 15.79
CA ARG B 179 -7.82 15.31 15.86
C ARG B 179 -7.11 16.51 15.23
N PRO B 180 -5.87 16.81 15.62
CA PRO B 180 -5.15 17.93 15.01
C PRO B 180 -4.88 17.65 13.54
N GLU B 181 -4.44 18.71 12.85
CA GLU B 181 -4.14 18.63 11.42
C GLU B 181 -2.68 18.25 11.21
N LEU B 182 -2.45 17.04 10.72
CA LEU B 182 -1.11 16.54 10.41
C LEU B 182 -1.14 16.05 8.97
N PRO B 183 -0.93 16.97 8.01
CA PRO B 183 -1.24 16.65 6.61
C PRO B 183 -0.44 15.50 6.04
N HIS B 184 0.85 15.43 6.36
CA HIS B 184 1.69 14.34 5.85
C HIS B 184 1.33 13.02 6.50
N LEU B 185 0.96 13.04 7.79
CA LEU B 185 0.47 11.81 8.40
C LEU B 185 -0.81 11.34 7.72
N GLN B 186 -1.69 12.28 7.36
CA GLN B 186 -2.90 11.92 6.65
C GLN B 186 -2.59 11.41 5.25
N ALA B 187 -1.73 12.13 4.52
CA ALA B 187 -1.33 11.66 3.19
C ALA B 187 -0.70 10.27 3.27
N TRP B 188 0.12 10.03 4.29
CA TRP B 188 0.68 8.70 4.47
C TRP B 188 -0.42 7.67 4.70
N TYR B 189 -1.45 8.05 5.46
CA TYR B 189 -2.58 7.14 5.67
C TYR B 189 -3.29 6.83 4.36
N ALA B 190 -3.42 7.84 3.50
CA ALA B 190 -4.05 7.63 2.20
C ALA B 190 -3.30 6.57 1.39
N ARG B 191 -1.97 6.58 1.45
CA ARG B 191 -1.18 5.59 0.73
C ARG B 191 -1.35 4.19 1.29
N LEU B 192 -1.61 4.05 2.59
CA LEU B 192 -1.82 2.72 3.13
C LEU B 192 -3.26 2.28 2.95
N ARG B 193 -4.19 3.24 3.03
CA ARG B 193 -5.62 2.91 3.00
C ARG B 193 -6.01 2.22 1.71
N VAL B 194 -5.27 2.46 0.62
CA VAL B 194 -5.60 1.91 -0.68
C VAL B 194 -4.90 0.58 -0.94
N ARG B 195 -4.11 0.09 0.00
CA ARG B 195 -3.52 -1.24 -0.14
C ARG B 195 -4.54 -2.30 0.21
N PRO B 196 -4.82 -3.26 -0.68
CA PRO B 196 -5.78 -4.32 -0.32
C PRO B 196 -5.38 -5.15 0.88
N ALA B 197 -4.09 -5.43 1.06
CA ALA B 197 -3.64 -6.17 2.24
C ALA B 197 -3.87 -5.36 3.51
N TYR B 198 -3.68 -4.04 3.42
CA TYR B 198 -3.99 -3.17 4.55
C TYR B 198 -5.47 -3.21 4.86
N GLN B 199 -6.32 -3.21 3.84
CA GLN B 199 -7.76 -3.25 4.06
C GLN B 199 -8.20 -4.58 4.64
N ARG B 200 -7.62 -5.69 4.14
CA ARG B 200 -7.93 -7.01 4.68
C ARG B 200 -7.44 -7.13 6.12
N GLY B 201 -6.20 -6.72 6.38
CA GLY B 201 -5.60 -6.97 7.67
C GLY B 201 -5.93 -5.97 8.76
N VAL B 202 -6.06 -4.70 8.39
CA VAL B 202 -6.16 -3.61 9.36
C VAL B 202 -7.58 -3.07 9.46
N MET B 203 -8.17 -2.66 8.34
CA MET B 203 -9.47 -1.99 8.35
C MET B 203 -10.57 -3.01 8.62
N THR B 204 -10.68 -3.39 9.89
CA THR B 204 -11.77 -4.23 10.37
C THR B 204 -12.64 -3.39 11.32
N ALA B 205 -13.67 -4.04 11.87
CA ALA B 205 -14.59 -3.35 12.80
C ALA B 205 -13.81 -2.66 13.91
N LEU B 206 -14.01 -1.35 14.03
CA LEU B 206 -13.24 -0.54 14.98
C LEU B 206 -13.94 -0.53 16.34
N THR B 207 -13.91 -1.70 16.98
CA THR B 207 -14.61 -1.87 18.26
C THR B 207 -13.60 -2.17 19.39
N MET C 1 -38.42 7.94 -34.38
CA MET C 1 -37.07 7.44 -34.11
C MET C 1 -36.26 8.44 -33.28
N PRO C 2 -35.79 8.01 -32.11
CA PRO C 2 -35.05 8.91 -31.23
C PRO C 2 -33.70 9.29 -31.82
N ALA C 3 -33.17 10.41 -31.34
CA ALA C 3 -31.87 10.88 -31.81
C ALA C 3 -30.76 9.90 -31.46
N ILE C 4 -30.80 9.35 -30.24
CA ILE C 4 -29.72 8.52 -29.74
C ILE C 4 -29.86 7.11 -30.30
N THR C 5 -28.76 6.56 -30.82
CA THR C 5 -28.73 5.22 -31.37
C THR C 5 -27.49 4.50 -30.86
N ILE C 6 -27.68 3.35 -30.23
CA ILE C 6 -26.58 2.55 -29.71
C ILE C 6 -26.51 1.26 -30.52
N TRP C 7 -25.40 1.07 -31.24
CA TRP C 7 -25.12 -0.13 -31.99
C TRP C 7 -24.33 -1.12 -31.14
N GLY C 8 -24.62 -2.41 -31.30
CA GLY C 8 -23.88 -3.45 -30.65
C GLY C 8 -24.74 -4.57 -30.07
N ARG C 9 -24.19 -5.77 -30.02
CA ARG C 9 -24.92 -6.93 -29.51
C ARG C 9 -25.19 -6.78 -28.02
N ARG C 10 -26.46 -6.89 -27.63
CA ARG C 10 -26.89 -6.65 -26.26
C ARG C 10 -26.41 -7.70 -25.26
N ASN C 11 -25.62 -8.69 -25.68
CA ASN C 11 -25.09 -9.70 -24.79
C ASN C 11 -23.61 -9.50 -24.51
N SER C 12 -23.08 -8.33 -24.80
CA SER C 12 -21.72 -7.95 -24.48
C SER C 12 -21.71 -6.98 -23.31
N SER C 13 -20.80 -7.21 -22.36
CA SER C 13 -20.69 -6.32 -21.19
C SER C 13 -20.37 -4.89 -21.59
N ASN C 14 -19.57 -4.70 -22.65
CA ASN C 14 -19.30 -3.35 -23.11
C ASN C 14 -20.58 -2.67 -23.60
N VAL C 15 -21.44 -3.41 -24.30
CA VAL C 15 -22.71 -2.84 -24.72
C VAL C 15 -23.63 -2.64 -23.52
N ARG C 16 -23.60 -3.57 -22.56
CA ARG C 16 -24.42 -3.42 -21.35
C ARG C 16 -24.10 -2.11 -20.64
N LYS C 17 -22.82 -1.71 -20.65
CA LYS C 17 -22.43 -0.43 -20.07
C LYS C 17 -23.22 0.71 -20.69
N ALA C 18 -23.27 0.74 -22.03
CA ALA C 18 -23.92 1.85 -22.73
C ALA C 18 -25.42 1.83 -22.51
N LEU C 19 -26.04 0.66 -22.57
CA LEU C 19 -27.49 0.60 -22.39
C LEU C 19 -27.88 0.92 -20.95
N TRP C 20 -27.11 0.41 -19.99
CA TRP C 20 -27.41 0.71 -18.59
C TRP C 20 -27.31 2.20 -18.32
N CYS C 21 -26.24 2.84 -18.77
CA CYS C 21 -26.14 4.27 -18.57
C CYS C 21 -27.25 5.01 -19.30
N ALA C 22 -27.67 4.51 -20.45
CA ALA C 22 -28.79 5.13 -21.16
C ALA C 22 -30.06 5.03 -20.32
N GLU C 23 -30.34 3.85 -19.77
CA GLU C 23 -31.52 3.67 -18.94
C GLU C 23 -31.49 4.57 -17.71
N GLU C 24 -30.32 4.70 -17.08
CA GLU C 24 -30.20 5.54 -15.90
C GLU C 24 -30.55 6.99 -16.22
N ALA C 25 -30.13 7.47 -17.39
CA ALA C 25 -30.37 8.85 -17.78
C ALA C 25 -31.81 9.10 -18.19
N GLY C 26 -32.64 8.06 -18.31
CA GLY C 26 -34.00 8.24 -18.75
C GLY C 26 -34.13 8.70 -20.19
N VAL C 27 -33.03 8.66 -20.95
CA VAL C 27 -33.06 9.12 -22.33
C VAL C 27 -33.77 8.07 -23.21
N ALA C 28 -34.16 8.49 -24.40
CA ALA C 28 -34.75 7.60 -25.40
C ALA C 28 -33.70 7.23 -26.44
N TYR C 29 -33.56 5.95 -26.73
CA TYR C 29 -32.53 5.46 -27.62
C TYR C 29 -33.06 4.31 -28.47
N THR C 30 -32.31 3.97 -29.51
CA THR C 30 -32.61 2.83 -30.38
C THR C 30 -31.46 1.83 -30.28
N SER C 31 -31.79 0.59 -29.96
CA SER C 31 -30.81 -0.48 -29.91
C SER C 31 -30.79 -1.22 -31.24
N ILE C 32 -29.62 -1.27 -31.87
CA ILE C 32 -29.42 -1.96 -33.13
C ILE C 32 -28.33 -2.99 -32.92
N GLU C 33 -28.65 -4.26 -33.12
CA GLU C 33 -27.65 -5.32 -33.05
C GLU C 33 -27.74 -6.19 -34.29
N VAL C 34 -26.71 -7.01 -34.49
CA VAL C 34 -26.55 -7.83 -35.68
C VAL C 34 -26.34 -9.28 -35.25
N GLY C 35 -27.07 -10.21 -35.88
CA GLY C 35 -26.96 -11.61 -35.58
C GLY C 35 -26.44 -12.40 -36.77
N GLY C 36 -26.18 -13.69 -36.52
CA GLY C 36 -25.72 -14.60 -37.54
C GLY C 36 -24.38 -14.25 -38.16
N GLY C 53 -14.83 -7.95 -26.83
CA GLY C 53 -16.22 -8.10 -27.21
C GLY C 53 -16.68 -7.04 -28.19
N VAL C 54 -17.91 -7.15 -28.68
CA VAL C 54 -18.44 -6.15 -29.60
C VAL C 54 -18.47 -4.80 -28.89
N VAL C 55 -17.95 -3.78 -29.55
CA VAL C 55 -17.70 -2.48 -28.93
C VAL C 55 -18.82 -1.54 -29.37
N PRO C 56 -19.55 -0.92 -28.44
CA PRO C 56 -20.72 -0.14 -28.84
C PRO C 56 -20.35 1.16 -29.52
N THR C 57 -21.15 1.53 -30.52
CA THR C 57 -21.05 2.81 -31.18
C THR C 57 -22.30 3.62 -30.84
N LEU C 58 -22.13 4.90 -30.58
CA LEU C 58 -23.25 5.76 -30.23
C LEU C 58 -23.33 6.93 -31.20
N GLN C 59 -24.55 7.39 -31.42
CA GLN C 59 -24.79 8.59 -32.22
C GLN C 59 -25.93 9.37 -31.58
N ASP C 60 -25.71 10.67 -31.37
CA ASP C 60 -26.74 11.52 -30.79
C ASP C 60 -27.22 12.58 -31.78
N GLY C 61 -26.32 13.42 -32.28
CA GLY C 61 -26.64 14.31 -33.38
C GLY C 61 -25.64 14.05 -34.48
N ALA C 62 -24.84 15.07 -34.78
CA ALA C 62 -23.65 14.88 -35.59
C ALA C 62 -22.54 14.16 -34.83
N LEU C 63 -22.79 13.76 -33.59
CA LEU C 63 -21.77 13.19 -32.72
C LEU C 63 -21.73 11.67 -32.83
N VAL C 64 -20.53 11.11 -33.02
CA VAL C 64 -20.34 9.68 -33.10
C VAL C 64 -19.26 9.26 -32.11
N LEU C 65 -19.63 8.39 -31.16
CA LEU C 65 -18.72 7.81 -30.17
C LEU C 65 -18.59 6.31 -30.40
N TRP C 66 -17.42 5.75 -30.05
CA TRP C 66 -17.19 4.34 -30.33
C TRP C 66 -16.49 3.58 -29.22
N GLU C 67 -16.32 4.14 -28.03
CA GLU C 67 -15.77 3.37 -26.92
C GLU C 67 -16.73 3.44 -25.74
N SER C 68 -16.97 2.29 -25.12
CA SER C 68 -18.08 2.15 -24.17
C SER C 68 -17.87 3.03 -22.94
N ASN C 69 -16.64 3.12 -22.42
CA ASN C 69 -16.43 4.00 -21.28
C ASN C 69 -16.59 5.46 -21.67
N ALA C 70 -16.18 5.82 -22.90
CA ALA C 70 -16.44 7.15 -23.42
C ALA C 70 -17.92 7.39 -23.61
N ILE C 71 -18.66 6.37 -24.03
CA ILE C 71 -20.11 6.50 -24.17
C ILE C 71 -20.75 6.73 -22.81
N VAL C 72 -20.31 5.98 -21.79
CA VAL C 72 -20.89 6.11 -20.46
C VAL C 72 -20.64 7.51 -19.90
N ARG C 73 -19.42 8.02 -20.05
CA ARG C 73 -19.11 9.34 -19.52
C ARG C 73 -19.89 10.43 -20.23
N TYR C 74 -20.08 10.29 -21.55
CA TYR C 74 -20.81 11.32 -22.28
C TYR C 74 -22.28 11.32 -21.93
N LEU C 75 -22.90 10.14 -21.86
CA LEU C 75 -24.30 10.06 -21.46
C LEU C 75 -24.48 10.60 -20.04
N ALA C 76 -23.56 10.26 -19.14
CA ALA C 76 -23.69 10.72 -17.77
C ALA C 76 -23.48 12.22 -17.67
N ALA C 77 -22.58 12.78 -18.47
CA ALA C 77 -22.30 14.22 -18.37
C ALA C 77 -23.38 15.03 -19.08
N GLN C 78 -23.90 14.52 -20.19
CA GLN C 78 -24.87 15.25 -20.99
C GLN C 78 -26.30 15.10 -20.50
N TYR C 79 -26.62 13.97 -19.83
CA TYR C 79 -28.02 13.64 -19.54
C TYR C 79 -28.30 13.17 -18.13
N ALA C 80 -27.31 12.80 -17.34
CA ALA C 80 -27.52 12.36 -15.96
C ALA C 80 -26.42 12.96 -15.08
N PRO C 81 -26.44 14.28 -14.89
CA PRO C 81 -25.33 14.94 -14.19
C PRO C 81 -25.10 14.42 -12.78
N ALA C 82 -26.10 13.78 -12.17
CA ALA C 82 -25.90 13.26 -10.82
C ALA C 82 -24.86 12.16 -10.80
N LEU C 83 -24.78 11.35 -11.87
CA LEU C 83 -23.77 10.31 -11.97
C LEU C 83 -22.42 10.84 -12.42
N TYR C 84 -22.35 12.10 -12.84
CA TYR C 84 -21.10 12.76 -13.20
C TYR C 84 -20.74 13.76 -12.11
N PRO C 85 -19.92 13.38 -11.12
CA PRO C 85 -19.53 14.33 -10.06
C PRO C 85 -18.78 15.52 -10.65
N GLN C 86 -19.15 16.72 -10.18
CA GLN C 86 -18.64 17.93 -10.79
C GLN C 86 -17.17 18.19 -10.45
N ALA C 87 -16.72 17.82 -9.23
CA ALA C 87 -15.33 18.10 -8.82
C ALA C 87 -14.41 17.00 -9.30
N PRO C 88 -13.30 17.34 -9.97
CA PRO C 88 -12.40 16.30 -10.51
C PRO C 88 -11.92 15.31 -9.46
N ALA C 89 -11.61 15.78 -8.25
CA ALA C 89 -11.20 14.86 -7.21
C ALA C 89 -12.30 13.86 -6.88
N GLU C 90 -13.56 14.30 -6.92
CA GLU C 90 -14.68 13.39 -6.72
C GLU C 90 -14.81 12.41 -7.88
N ARG C 91 -14.68 12.91 -9.12
CA ARG C 91 -14.74 12.05 -10.28
C ARG C 91 -13.67 10.97 -10.25
N ALA C 92 -12.47 11.34 -9.77
CA ALA C 92 -11.32 10.44 -9.83
C ALA C 92 -11.56 9.15 -9.04
N LEU C 93 -12.38 9.22 -7.97
CA LEU C 93 -12.62 8.04 -7.14
C LEU C 93 -13.18 6.90 -7.98
N GLY C 94 -14.17 7.20 -8.83
CA GLY C 94 -14.71 6.19 -9.71
C GLY C 94 -13.92 6.02 -10.99
N ASP C 95 -13.29 7.10 -11.47
CA ASP C 95 -12.53 7.04 -12.71
C ASP C 95 -11.48 5.94 -12.66
N ARG C 96 -10.73 5.86 -11.55
CA ARG C 96 -9.68 4.84 -11.44
C ARG C 96 -10.27 3.44 -11.58
N TRP C 97 -11.53 3.25 -11.18
CA TRP C 97 -12.18 1.95 -11.29
C TRP C 97 -12.74 1.71 -12.68
N MET C 98 -13.15 2.77 -13.38
CA MET C 98 -13.64 2.62 -14.76
C MET C 98 -12.52 2.13 -15.68
N ASP C 99 -11.34 2.75 -15.58
CA ASP C 99 -10.23 2.41 -16.47
C ASP C 99 -9.57 1.09 -16.05
N TRP C 100 -9.47 0.86 -14.74
CA TRP C 100 -9.00 -0.43 -14.24
C TRP C 100 -9.80 -1.58 -14.84
N THR C 101 -11.11 -1.37 -15.01
CA THR C 101 -11.99 -2.43 -15.48
C THR C 101 -11.54 -2.96 -16.83
N THR C 102 -11.26 -2.06 -17.77
CA THR C 102 -10.92 -2.51 -19.11
C THR C 102 -9.43 -2.66 -19.32
N SER C 103 -8.60 -2.01 -18.49
CA SER C 103 -7.16 -2.15 -18.64
C SER C 103 -6.63 -3.40 -17.96
N THR C 104 -7.30 -3.87 -16.92
CA THR C 104 -6.85 -5.04 -16.17
C THR C 104 -7.87 -6.17 -16.15
N PHE C 105 -9.12 -5.87 -15.82
CA PHE C 105 -10.05 -6.95 -15.56
C PHE C 105 -10.64 -7.53 -16.86
N ALA C 106 -10.94 -6.68 -17.84
CA ALA C 106 -11.70 -7.13 -19.01
C ALA C 106 -10.94 -8.20 -19.78
N GLY C 107 -9.62 -8.03 -19.94
CA GLY C 107 -8.86 -8.99 -20.70
C GLY C 107 -8.90 -10.38 -20.08
N VAL C 108 -8.55 -10.47 -18.81
CA VAL C 108 -8.57 -11.76 -18.13
C VAL C 108 -9.97 -12.36 -18.15
N PHE C 109 -10.98 -11.57 -17.77
CA PHE C 109 -12.30 -12.13 -17.53
C PHE C 109 -12.94 -12.65 -18.81
N ARG C 110 -12.81 -11.91 -19.91
CA ARG C 110 -13.48 -12.32 -21.14
C ARG C 110 -12.92 -13.63 -21.68
N ASP C 111 -11.66 -13.92 -21.37
CA ASP C 111 -11.14 -15.24 -21.72
C ASP C 111 -11.77 -16.33 -20.87
N LEU C 112 -12.02 -16.03 -19.59
CA LEU C 112 -12.78 -16.96 -18.76
C LEU C 112 -14.19 -17.14 -19.29
N PHE C 113 -14.88 -16.03 -19.53
CA PHE C 113 -16.26 -16.10 -20.00
C PHE C 113 -16.36 -16.79 -21.35
N TRP C 114 -15.44 -16.50 -22.27
CA TRP C 114 -15.50 -17.12 -23.59
C TRP C 114 -15.30 -18.63 -23.49
N GLY C 115 -14.27 -19.06 -22.75
CA GLY C 115 -13.99 -20.47 -22.62
C GLY C 115 -15.09 -21.25 -21.92
N VAL C 116 -15.90 -20.58 -21.10
CA VAL C 116 -16.92 -21.29 -20.32
C VAL C 116 -18.26 -21.29 -21.02
N VAL C 117 -18.63 -20.20 -21.68
CA VAL C 117 -19.97 -20.05 -22.24
C VAL C 117 -20.00 -20.25 -23.75
N ARG C 118 -18.96 -19.81 -24.46
CA ARG C 118 -19.05 -19.68 -25.91
C ARG C 118 -18.18 -20.65 -26.70
N THR C 119 -17.35 -21.46 -26.04
CA THR C 119 -16.63 -22.39 -26.90
C THR C 119 -17.08 -23.81 -26.65
N PRO C 120 -17.26 -24.62 -27.69
CA PRO C 120 -17.52 -26.05 -27.49
C PRO C 120 -16.37 -26.70 -26.74
N GLU C 121 -16.67 -27.78 -26.01
CA GLU C 121 -15.64 -28.39 -25.16
C GLU C 121 -14.44 -28.84 -25.97
N ALA C 122 -14.66 -29.26 -27.22
CA ALA C 122 -13.58 -29.75 -28.06
C ALA C 122 -12.44 -28.73 -28.15
N GLU C 123 -12.79 -27.47 -28.40
CA GLU C 123 -11.80 -26.41 -28.54
C GLU C 123 -11.37 -25.81 -27.20
N ARG C 124 -11.75 -26.40 -26.08
CA ARG C 124 -11.49 -25.81 -24.77
C ARG C 124 -10.06 -26.07 -24.33
N ASP C 125 -9.37 -25.01 -23.90
CA ASP C 125 -8.07 -25.11 -23.22
C ASP C 125 -8.30 -24.84 -21.74
N HIS C 126 -8.46 -25.91 -20.96
CA HIS C 126 -8.83 -25.76 -19.56
C HIS C 126 -7.73 -25.09 -18.74
N ALA C 127 -6.48 -25.23 -19.15
CA ALA C 127 -5.40 -24.55 -18.44
C ALA C 127 -5.54 -23.03 -18.53
N ARG C 128 -6.05 -22.54 -19.66
CA ARG C 128 -6.28 -21.11 -19.79
C ARG C 128 -7.56 -20.68 -19.10
N ILE C 129 -8.56 -21.55 -19.04
CA ILE C 129 -9.77 -21.21 -18.31
C ILE C 129 -9.52 -21.25 -16.81
N ALA C 130 -8.76 -22.24 -16.35
CA ALA C 130 -8.45 -22.32 -14.92
C ALA C 130 -7.62 -21.13 -14.47
N ALA C 131 -6.63 -20.75 -15.26
CA ALA C 131 -5.80 -19.61 -14.88
C ALA C 131 -6.61 -18.33 -14.89
N ALA C 132 -7.44 -18.12 -15.92
CA ALA C 132 -8.27 -16.93 -15.98
C ALA C 132 -9.25 -16.88 -14.82
N LEU C 133 -9.75 -18.03 -14.37
CA LEU C 133 -10.66 -18.04 -13.24
C LEU C 133 -9.96 -17.57 -11.98
N THR C 134 -8.79 -18.13 -11.68
CA THR C 134 -8.06 -17.71 -10.49
C THR C 134 -7.60 -16.27 -10.62
N GLN C 135 -7.09 -15.87 -11.79
CA GLN C 135 -6.63 -14.51 -11.96
C GLN C 135 -7.78 -13.50 -11.83
N SER C 136 -8.94 -13.81 -12.41
CA SER C 136 -10.08 -12.91 -12.27
C SER C 136 -10.51 -12.80 -10.81
N GLY C 137 -10.44 -13.92 -10.07
CA GLY C 137 -10.81 -13.88 -8.66
C GLY C 137 -9.87 -13.03 -7.84
N GLU C 138 -8.58 -13.07 -8.17
CA GLU C 138 -7.62 -12.23 -7.46
C GLU C 138 -7.91 -10.76 -7.70
N LEU C 139 -8.17 -10.39 -8.96
CA LEU C 139 -8.51 -9.01 -9.26
C LEU C 139 -9.78 -8.58 -8.53
N LEU C 140 -10.76 -9.49 -8.43
CA LEU C 140 -12.01 -9.12 -7.81
C LEU C 140 -11.91 -9.08 -6.29
N ALA C 141 -11.01 -9.85 -5.69
CA ALA C 141 -10.78 -9.70 -4.26
C ALA C 141 -10.25 -8.32 -3.92
N ARG C 142 -9.47 -7.73 -4.82
CA ARG C 142 -9.03 -6.35 -4.65
C ARG C 142 -10.22 -5.40 -4.67
N ALA C 143 -11.19 -5.63 -5.57
CA ALA C 143 -12.38 -4.78 -5.61
C ALA C 143 -13.28 -5.02 -4.41
N ASP C 144 -13.32 -6.26 -3.90
CA ASP C 144 -14.08 -6.52 -2.69
C ASP C 144 -13.51 -5.76 -1.51
N ALA C 145 -12.19 -5.75 -1.38
CA ALA C 145 -11.55 -5.03 -0.29
C ALA C 145 -11.93 -3.55 -0.29
N ALA C 146 -11.98 -2.94 -1.48
CA ALA C 146 -12.46 -1.56 -1.56
C ALA C 146 -13.93 -1.45 -1.19
N LEU C 147 -14.73 -2.46 -1.50
CA LEU C 147 -16.15 -2.41 -1.22
C LEU C 147 -16.49 -2.76 0.23
N ALA C 148 -15.48 -3.08 1.04
CA ALA C 148 -15.66 -3.13 2.49
C ALA C 148 -15.47 -1.78 3.15
N GLN C 149 -14.94 -0.79 2.41
CA GLN C 149 -14.75 0.56 2.92
C GLN C 149 -15.71 1.58 2.32
N GLN C 150 -16.31 1.29 1.18
CA GLN C 150 -17.26 2.18 0.54
C GLN C 150 -18.38 1.35 -0.07
N PRO C 151 -19.60 1.87 -0.08
CA PRO C 151 -20.70 1.10 -0.67
C PRO C 151 -20.66 1.03 -2.19
N TYR C 152 -19.97 1.97 -2.84
CA TYR C 152 -19.90 2.05 -4.29
C TYR C 152 -18.48 2.35 -4.71
N LEU C 153 -18.16 1.99 -5.96
CA LEU C 153 -16.84 2.31 -6.50
C LEU C 153 -16.68 3.79 -6.79
N SER C 154 -17.77 4.54 -6.83
CA SER C 154 -17.69 5.98 -7.02
C SER C 154 -17.51 6.74 -5.71
N GLY C 155 -17.70 6.08 -4.58
CA GLY C 155 -17.62 6.72 -3.29
C GLY C 155 -18.79 6.36 -2.40
N GLY C 156 -19.35 7.35 -1.71
CA GLY C 156 -20.47 7.08 -0.83
C GLY C 156 -21.78 6.84 -1.54
N ARG C 157 -21.94 7.35 -2.75
CA ARG C 157 -23.18 7.21 -3.50
C ARG C 157 -22.90 6.56 -4.85
N PHE C 158 -23.96 6.10 -5.50
CA PHE C 158 -23.82 5.52 -6.82
C PHE C 158 -23.51 6.59 -7.85
N ALA C 159 -22.63 6.27 -8.79
CA ALA C 159 -22.32 7.18 -9.89
C ALA C 159 -21.74 6.35 -11.03
N MET C 160 -21.26 7.05 -12.07
CA MET C 160 -20.77 6.37 -13.27
C MET C 160 -19.59 5.46 -13.00
N GLY C 161 -18.84 5.69 -11.92
CA GLY C 161 -17.71 4.84 -11.61
C GLY C 161 -18.07 3.39 -11.43
N ASP C 162 -19.33 3.10 -11.09
CA ASP C 162 -19.79 1.74 -10.86
C ASP C 162 -20.26 1.02 -12.11
N ILE C 163 -20.49 1.73 -13.20
CA ILE C 163 -21.14 1.16 -14.38
C ILE C 163 -20.26 0.16 -15.11
N PRO C 164 -18.98 0.46 -15.43
CA PRO C 164 -18.17 -0.52 -16.17
C PRO C 164 -18.02 -1.86 -15.47
N LEU C 165 -17.50 -1.88 -14.23
CA LEU C 165 -17.36 -3.15 -13.54
C LEU C 165 -18.72 -3.73 -13.19
N GLY C 166 -19.72 -2.88 -12.94
CA GLY C 166 -21.04 -3.38 -12.61
C GLY C 166 -21.63 -4.22 -13.74
N SER C 167 -21.38 -3.81 -14.99
CA SER C 167 -21.86 -4.59 -16.11
C SER C 167 -21.12 -5.92 -16.23
N PHE C 168 -19.82 -5.94 -15.91
CA PHE C 168 -19.09 -7.21 -15.95
C PHE C 168 -19.49 -8.13 -14.80
N ILE C 169 -19.84 -7.56 -13.64
CA ILE C 169 -20.01 -8.39 -12.46
C ILE C 169 -21.29 -9.23 -12.52
N TYR C 170 -22.26 -8.81 -13.32
CA TYR C 170 -23.46 -9.63 -13.51
C TYR C 170 -23.11 -10.96 -14.15
N ALA C 171 -22.24 -10.94 -15.17
CA ALA C 171 -21.77 -12.19 -15.76
C ALA C 171 -21.00 -13.03 -14.74
N TRP C 172 -20.16 -12.39 -13.93
CA TRP C 172 -19.37 -13.10 -12.93
C TRP C 172 -20.25 -13.90 -11.98
N PHE C 173 -21.35 -13.31 -11.52
CA PHE C 173 -22.17 -13.97 -10.53
C PHE C 173 -23.17 -14.95 -11.13
N GLU C 174 -23.49 -14.82 -12.42
CA GLU C 174 -24.44 -15.72 -13.04
C GLU C 174 -23.80 -16.77 -13.92
N MET C 175 -22.49 -16.68 -14.17
CA MET C 175 -21.79 -17.72 -14.88
C MET C 175 -21.86 -19.03 -14.09
N PRO C 176 -21.84 -20.17 -14.76
CA PRO C 176 -21.74 -21.46 -14.06
C PRO C 176 -20.28 -21.80 -13.73
N ILE C 177 -19.77 -21.22 -12.65
CA ILE C 177 -18.36 -21.36 -12.29
C ILE C 177 -18.22 -21.51 -10.77
N GLU C 178 -17.07 -22.05 -10.37
CA GLU C 178 -16.67 -22.03 -8.97
C GLU C 178 -15.98 -20.71 -8.70
N ARG C 179 -16.48 -19.96 -7.71
CA ARG C 179 -15.95 -18.63 -7.47
C ARG C 179 -15.67 -18.40 -6.00
N PRO C 180 -14.71 -17.55 -5.67
CA PRO C 180 -14.38 -17.29 -4.26
C PRO C 180 -15.52 -16.59 -3.55
N GLU C 181 -15.43 -16.60 -2.22
CA GLU C 181 -16.39 -15.90 -1.37
C GLU C 181 -15.96 -14.45 -1.24
N LEU C 182 -16.70 -13.55 -1.87
CA LEU C 182 -16.39 -12.12 -1.86
C LEU C 182 -17.63 -11.39 -1.37
N PRO C 183 -17.84 -11.35 -0.04
CA PRO C 183 -19.10 -10.83 0.49
C PRO C 183 -19.35 -9.37 0.18
N HIS C 184 -18.31 -8.53 0.17
CA HIS C 184 -18.52 -7.12 -0.09
C HIS C 184 -18.78 -6.86 -1.56
N LEU C 185 -18.18 -7.68 -2.43
CA LEU C 185 -18.50 -7.63 -3.85
C LEU C 185 -19.95 -8.03 -4.11
N GLN C 186 -20.42 -9.09 -3.44
CA GLN C 186 -21.81 -9.52 -3.62
C GLN C 186 -22.78 -8.48 -3.07
N ALA C 187 -22.48 -7.90 -1.90
CA ALA C 187 -23.32 -6.84 -1.36
C ALA C 187 -23.38 -5.64 -2.30
N TRP C 188 -22.27 -5.36 -2.99
CA TRP C 188 -22.29 -4.33 -4.02
C TRP C 188 -23.16 -4.76 -5.20
N TYR C 189 -23.07 -6.03 -5.59
CA TYR C 189 -23.88 -6.54 -6.69
C TYR C 189 -25.37 -6.47 -6.36
N ALA C 190 -25.74 -6.82 -5.12
CA ALA C 190 -27.13 -6.70 -4.71
C ALA C 190 -27.60 -5.25 -4.78
N ARG C 191 -26.72 -4.30 -4.45
CA ARG C 191 -27.10 -2.90 -4.56
C ARG C 191 -27.37 -2.50 -6.01
N LEU C 192 -26.59 -3.05 -6.95
CA LEU C 192 -26.84 -2.78 -8.36
C LEU C 192 -28.16 -3.39 -8.81
N ARG C 193 -28.44 -4.62 -8.38
CA ARG C 193 -29.61 -5.36 -8.82
C ARG C 193 -30.91 -4.67 -8.45
N VAL C 194 -30.90 -3.81 -7.43
CA VAL C 194 -32.07 -3.08 -6.98
C VAL C 194 -32.50 -2.01 -7.98
N ARG C 195 -31.60 -1.56 -8.82
CA ARG C 195 -31.91 -0.44 -9.71
C ARG C 195 -32.62 -0.96 -10.96
N PRO C 196 -33.77 -0.39 -11.32
CA PRO C 196 -34.45 -0.85 -12.54
C PRO C 196 -33.64 -0.62 -13.80
N ALA C 197 -32.85 0.46 -13.86
CA ALA C 197 -32.03 0.71 -15.03
C ALA C 197 -30.99 -0.38 -15.21
N TYR C 198 -30.38 -0.84 -14.10
CA TYR C 198 -29.47 -1.97 -14.16
C TYR C 198 -30.17 -3.21 -14.72
N GLN C 199 -31.38 -3.49 -14.22
CA GLN C 199 -32.10 -4.69 -14.66
C GLN C 199 -32.43 -4.64 -16.15
N ARG C 200 -32.90 -3.48 -16.63
CA ARG C 200 -33.19 -3.36 -18.06
C ARG C 200 -31.91 -3.30 -18.89
N GLY C 201 -30.91 -2.56 -18.42
CA GLY C 201 -29.70 -2.35 -19.18
C GLY C 201 -28.69 -3.49 -19.18
N VAL C 202 -28.50 -4.14 -18.03
CA VAL C 202 -27.43 -5.11 -17.85
C VAL C 202 -27.97 -6.54 -17.78
N MET C 203 -29.02 -6.76 -17.00
CA MET C 203 -29.45 -8.12 -16.66
C MET C 203 -30.20 -8.79 -17.82
N THR C 204 -29.46 -8.99 -18.91
CA THR C 204 -30.02 -9.60 -20.11
C THR C 204 -29.55 -11.05 -20.23
N ALA C 205 -29.95 -11.69 -21.32
CA ALA C 205 -29.62 -13.11 -21.52
C ALA C 205 -28.12 -13.30 -21.59
N LEU C 206 -27.64 -14.36 -20.95
CA LEU C 206 -26.21 -14.61 -20.82
C LEU C 206 -25.74 -15.56 -21.94
N THR C 207 -25.83 -15.05 -23.16
CA THR C 207 -25.40 -15.79 -24.34
C THR C 207 -23.95 -15.45 -24.73
N MET D 1 9.02 16.85 -0.16
CA MET D 1 8.12 16.20 -1.11
C MET D 1 6.92 17.08 -1.47
N PRO D 2 6.85 17.51 -2.73
CA PRO D 2 5.70 18.32 -3.19
C PRO D 2 4.39 17.56 -3.03
N ALA D 3 3.30 18.31 -3.23
CA ALA D 3 1.96 17.78 -2.97
C ALA D 3 1.65 16.59 -3.87
N ILE D 4 2.03 16.68 -5.14
CA ILE D 4 1.72 15.64 -6.12
C ILE D 4 2.90 14.68 -6.21
N THR D 5 2.61 13.39 -6.16
CA THR D 5 3.61 12.35 -6.30
C THR D 5 3.11 11.30 -7.29
N ILE D 6 3.96 10.92 -8.23
CA ILE D 6 3.63 9.92 -9.24
C ILE D 6 4.57 8.74 -9.07
N TRP D 7 4.00 7.53 -8.99
CA TRP D 7 4.75 6.29 -8.85
C TRP D 7 4.75 5.53 -10.17
N GLY D 8 5.87 4.89 -10.48
CA GLY D 8 6.00 4.05 -11.66
C GLY D 8 7.35 4.13 -12.34
N ARG D 9 7.73 3.04 -13.00
CA ARG D 9 8.98 3.02 -13.76
C ARG D 9 8.83 3.89 -15.01
N ARG D 10 9.81 4.77 -15.22
CA ARG D 10 9.71 5.76 -16.30
C ARG D 10 9.75 5.14 -17.68
N ASN D 11 10.15 3.88 -17.81
CA ASN D 11 10.16 3.23 -19.12
C ASN D 11 8.78 2.74 -19.56
N SER D 12 7.77 2.83 -18.70
CA SER D 12 6.42 2.44 -19.08
C SER D 12 5.69 3.56 -19.80
N SER D 13 5.00 3.20 -20.88
CA SER D 13 4.19 4.17 -21.60
C SER D 13 2.99 4.63 -20.77
N ASN D 14 2.50 3.78 -19.87
CA ASN D 14 1.47 4.22 -18.94
C ASN D 14 1.96 5.37 -18.08
N VAL D 15 3.20 5.27 -17.58
CA VAL D 15 3.78 6.37 -16.81
C VAL D 15 4.07 7.56 -17.71
N ARG D 16 4.46 7.31 -18.97
CA ARG D 16 4.69 8.40 -19.91
C ARG D 16 3.46 9.29 -20.05
N LYS D 17 2.27 8.68 -20.04
CA LYS D 17 1.04 9.47 -20.09
C LYS D 17 0.96 10.44 -18.91
N ALA D 18 1.26 9.95 -17.70
CA ALA D 18 1.05 10.76 -16.50
C ALA D 18 2.11 11.86 -16.37
N LEU D 19 3.38 11.53 -16.64
CA LEU D 19 4.42 12.55 -16.54
C LEU D 19 4.29 13.59 -17.65
N TRP D 20 3.94 13.17 -18.87
CA TRP D 20 3.72 14.12 -19.95
C TRP D 20 2.67 15.15 -19.55
N CYS D 21 1.51 14.67 -19.12
CA CYS D 21 0.40 15.57 -18.81
C CYS D 21 0.75 16.45 -17.60
N ALA D 22 1.46 15.88 -16.61
CA ALA D 22 1.96 16.67 -15.49
C ALA D 22 2.89 17.78 -15.97
N GLU D 23 3.81 17.44 -16.89
CA GLU D 23 4.68 18.46 -17.48
C GLU D 23 3.85 19.49 -18.26
N GLU D 24 2.87 19.03 -19.04
CA GLU D 24 2.01 19.97 -19.75
C GLU D 24 1.31 20.92 -18.79
N ALA D 25 0.84 20.40 -17.65
CA ALA D 25 0.04 21.20 -16.74
C ALA D 25 0.88 22.16 -15.91
N GLY D 26 2.19 21.94 -15.81
CA GLY D 26 3.06 22.83 -15.06
C GLY D 26 3.14 22.56 -13.58
N VAL D 27 2.37 21.61 -13.06
CA VAL D 27 2.38 21.34 -11.63
C VAL D 27 3.75 20.78 -11.22
N ALA D 28 4.08 20.96 -9.95
CA ALA D 28 5.30 20.40 -9.38
C ALA D 28 4.99 19.05 -8.76
N TYR D 29 5.89 18.09 -8.97
CA TYR D 29 5.59 16.72 -8.57
C TYR D 29 6.90 15.97 -8.33
N THR D 30 6.78 14.85 -7.62
CA THR D 30 7.88 13.94 -7.40
C THR D 30 7.60 12.64 -8.13
N SER D 31 8.55 12.20 -8.94
CA SER D 31 8.47 10.91 -9.61
C SER D 31 9.30 9.91 -8.82
N ILE D 32 8.73 8.73 -8.59
CA ILE D 32 9.38 7.68 -7.82
C ILE D 32 9.28 6.39 -8.63
N GLU D 33 10.42 5.92 -9.13
CA GLU D 33 10.44 4.65 -9.86
C GLU D 33 10.30 3.50 -8.88
N VAL D 34 9.31 2.64 -9.13
CA VAL D 34 9.04 1.51 -8.26
C VAL D 34 8.13 0.52 -8.98
N ASN D 52 0.18 -5.35 -19.30
CA ASN D 52 -0.20 -4.01 -18.83
C ASN D 52 1.01 -3.14 -18.55
N GLY D 53 1.98 -3.68 -17.81
CA GLY D 53 3.15 -2.90 -17.43
C GLY D 53 3.21 -2.60 -15.96
N VAL D 54 2.98 -1.34 -15.59
CA VAL D 54 3.04 -0.91 -14.20
C VAL D 54 1.66 -0.52 -13.70
N VAL D 55 1.58 -0.15 -12.43
CA VAL D 55 0.37 0.44 -11.86
C VAL D 55 0.65 1.91 -11.57
N PRO D 56 0.66 2.77 -12.59
CA PRO D 56 1.01 4.18 -12.36
C PRO D 56 0.08 4.79 -11.32
N THR D 57 0.67 5.31 -10.25
CA THR D 57 -0.08 5.83 -9.12
C THR D 57 0.21 7.31 -8.97
N LEU D 58 -0.84 8.10 -8.80
CA LEU D 58 -0.72 9.52 -8.55
C LEU D 58 -1.41 9.85 -7.23
N GLN D 59 -0.80 10.76 -6.47
CA GLN D 59 -1.37 11.29 -5.23
C GLN D 59 -1.28 12.80 -5.22
N ASP D 60 -2.36 13.46 -4.81
CA ASP D 60 -2.40 14.91 -4.77
C ASP D 60 -2.49 15.44 -3.34
N GLY D 61 -3.55 15.09 -2.61
CA GLY D 61 -3.62 15.36 -1.20
C GLY D 61 -3.81 14.07 -0.46
N ALA D 62 -5.00 13.89 0.11
CA ALA D 62 -5.45 12.58 0.53
C ALA D 62 -6.06 11.78 -0.62
N LEU D 63 -5.74 12.14 -1.87
CA LEU D 63 -6.34 11.57 -3.07
C LEU D 63 -5.32 10.71 -3.81
N VAL D 64 -5.59 9.42 -3.95
CA VAL D 64 -4.67 8.46 -4.57
C VAL D 64 -5.34 7.86 -5.79
N LEU D 65 -4.61 7.80 -6.91
CA LEU D 65 -5.13 7.37 -8.20
C LEU D 65 -4.20 6.36 -8.83
N TRP D 66 -4.76 5.42 -9.61
CA TRP D 66 -3.92 4.33 -10.07
C TRP D 66 -4.17 3.91 -11.52
N GLU D 67 -4.68 4.79 -12.38
CA GLU D 67 -4.86 4.42 -13.77
C GLU D 67 -4.42 5.55 -14.69
N SER D 68 -3.86 5.15 -15.83
CA SER D 68 -3.30 6.09 -16.79
C SER D 68 -4.30 7.18 -17.16
N ASN D 69 -5.40 6.79 -17.81
CA ASN D 69 -6.34 7.77 -18.32
C ASN D 69 -7.02 8.53 -17.17
N ALA D 70 -7.35 7.83 -16.08
CA ALA D 70 -7.90 8.52 -14.92
C ALA D 70 -6.96 9.58 -14.39
N ILE D 71 -5.66 9.27 -14.30
CA ILE D 71 -4.69 10.26 -13.84
C ILE D 71 -4.64 11.44 -14.81
N VAL D 72 -4.56 11.15 -16.10
CA VAL D 72 -4.47 12.21 -17.11
C VAL D 72 -5.71 13.09 -17.04
N ARG D 73 -6.89 12.48 -16.93
CA ARG D 73 -8.12 13.25 -16.85
C ARG D 73 -8.14 14.13 -15.60
N TYR D 74 -7.65 13.60 -14.48
CA TYR D 74 -7.60 14.39 -13.26
C TYR D 74 -6.67 15.59 -13.40
N LEU D 75 -5.43 15.36 -13.86
CA LEU D 75 -4.47 16.45 -13.97
C LEU D 75 -4.98 17.56 -14.88
N ALA D 76 -5.59 17.19 -16.01
CA ALA D 76 -6.10 18.20 -16.95
C ALA D 76 -7.26 18.97 -16.35
N ALA D 77 -8.29 18.26 -15.87
CA ALA D 77 -9.46 18.94 -15.32
C ALA D 77 -9.10 19.76 -14.09
N GLN D 78 -8.16 19.29 -13.28
CA GLN D 78 -7.82 19.97 -12.03
C GLN D 78 -6.83 21.10 -12.22
N TYR D 79 -5.85 20.95 -13.12
CA TYR D 79 -4.71 21.85 -13.16
C TYR D 79 -4.40 22.46 -14.53
N ALA D 80 -5.01 21.98 -15.61
CA ALA D 80 -4.75 22.49 -16.95
C ALA D 80 -6.04 22.44 -17.73
N PRO D 81 -6.99 23.34 -17.45
CA PRO D 81 -8.34 23.20 -17.99
C PRO D 81 -8.41 23.32 -19.49
N ALA D 82 -7.46 23.98 -20.14
CA ALA D 82 -7.46 24.00 -21.60
C ALA D 82 -7.33 22.60 -22.18
N LEU D 83 -6.72 21.69 -21.43
CA LEU D 83 -6.55 20.32 -21.88
C LEU D 83 -7.78 19.45 -21.66
N TYR D 84 -8.78 19.98 -20.94
CA TYR D 84 -9.97 19.23 -20.55
C TYR D 84 -11.20 20.00 -21.04
N PRO D 85 -11.70 19.67 -22.23
CA PRO D 85 -12.88 20.39 -22.76
C PRO D 85 -14.09 20.27 -21.84
N GLN D 86 -14.75 21.41 -21.62
CA GLN D 86 -15.86 21.45 -20.66
C GLN D 86 -17.20 21.06 -21.26
N ALA D 87 -17.32 21.04 -22.57
CA ALA D 87 -18.55 20.55 -23.18
C ALA D 87 -18.48 19.04 -23.34
N PRO D 88 -19.48 18.29 -22.87
CA PRO D 88 -19.41 16.82 -22.99
C PRO D 88 -19.19 16.34 -24.40
N ALA D 89 -19.83 16.97 -25.39
CA ALA D 89 -19.68 16.50 -26.76
C ALA D 89 -18.30 16.82 -27.32
N GLU D 90 -17.76 18.00 -26.98
CA GLU D 90 -16.40 18.31 -27.40
C GLU D 90 -15.38 17.44 -26.67
N ARG D 91 -15.57 17.25 -25.36
CA ARG D 91 -14.72 16.32 -24.62
C ARG D 91 -14.84 14.90 -25.17
N ALA D 92 -16.01 14.55 -25.71
CA ALA D 92 -16.24 13.20 -26.21
C ALA D 92 -15.34 12.85 -27.39
N LEU D 93 -14.96 13.85 -28.19
CA LEU D 93 -14.10 13.60 -29.34
C LEU D 93 -12.74 13.05 -28.91
N GLY D 94 -12.22 13.54 -27.78
CA GLY D 94 -10.95 13.06 -27.28
C GLY D 94 -11.09 11.79 -26.46
N ASP D 95 -12.11 11.75 -25.60
CA ASP D 95 -12.34 10.57 -24.76
C ASP D 95 -12.38 9.30 -25.61
N ARG D 96 -13.13 9.32 -26.72
CA ARG D 96 -13.26 8.13 -27.55
C ARG D 96 -11.90 7.62 -28.02
N TRP D 97 -10.92 8.50 -28.14
CA TRP D 97 -9.57 8.09 -28.51
C TRP D 97 -8.76 7.63 -27.30
N MET D 98 -9.02 8.21 -26.12
CA MET D 98 -8.29 7.80 -24.92
C MET D 98 -8.64 6.37 -24.54
N ASP D 99 -9.95 6.05 -24.50
CA ASP D 99 -10.36 4.74 -24.06
C ASP D 99 -10.07 3.68 -25.13
N TRP D 100 -10.21 4.05 -26.39
CA TRP D 100 -9.83 3.17 -27.50
C TRP D 100 -8.37 2.76 -27.39
N THR D 101 -7.50 3.67 -26.95
CA THR D 101 -6.06 3.37 -26.89
C THR D 101 -5.77 2.25 -25.91
N THR D 102 -6.47 2.21 -24.77
CA THR D 102 -6.20 1.17 -23.79
C THR D 102 -7.04 -0.10 -24.02
N SER D 103 -8.22 0.02 -24.63
CA SER D 103 -9.07 -1.15 -24.75
C SER D 103 -8.82 -1.95 -26.03
N THR D 104 -8.34 -1.30 -27.10
CA THR D 104 -8.13 -1.98 -28.36
C THR D 104 -6.69 -1.99 -28.82
N PHE D 105 -6.01 -0.83 -28.78
CA PHE D 105 -4.67 -0.73 -29.33
C PHE D 105 -3.62 -1.27 -28.36
N ALA D 106 -3.73 -0.91 -27.08
CA ALA D 106 -2.63 -1.13 -26.15
C ALA D 106 -2.26 -2.60 -26.04
N GLY D 107 -3.25 -3.49 -26.05
CA GLY D 107 -2.94 -4.90 -25.94
C GLY D 107 -2.12 -5.40 -27.12
N VAL D 108 -2.59 -5.14 -28.33
CA VAL D 108 -1.90 -5.60 -29.53
C VAL D 108 -0.52 -4.97 -29.63
N PHE D 109 -0.40 -3.71 -29.22
CA PHE D 109 0.86 -3.00 -29.39
C PHE D 109 1.91 -3.45 -28.38
N ARG D 110 1.52 -3.63 -27.13
CA ARG D 110 2.46 -4.16 -26.14
C ARG D 110 2.96 -5.54 -26.54
N ASP D 111 2.13 -6.30 -27.26
CA ASP D 111 2.57 -7.60 -27.73
C ASP D 111 3.66 -7.46 -28.79
N LEU D 112 3.41 -6.60 -29.78
CA LEU D 112 4.42 -6.28 -30.79
C LEU D 112 5.72 -5.85 -30.12
N PHE D 113 5.63 -4.91 -29.16
CA PHE D 113 6.82 -4.46 -28.45
C PHE D 113 7.54 -5.61 -27.80
N TRP D 114 6.81 -6.43 -27.02
CA TRP D 114 7.42 -7.55 -26.33
C TRP D 114 8.13 -8.49 -27.31
N GLY D 115 7.45 -8.83 -28.41
CA GLY D 115 8.04 -9.76 -29.36
C GLY D 115 9.25 -9.20 -30.08
N VAL D 116 9.27 -7.90 -30.32
CA VAL D 116 10.35 -7.30 -31.09
C VAL D 116 11.47 -6.79 -30.19
N VAL D 117 11.13 -6.05 -29.15
CA VAL D 117 12.12 -5.32 -28.39
C VAL D 117 12.64 -6.13 -27.20
N ARG D 118 11.77 -6.85 -26.50
CA ARG D 118 12.14 -7.52 -25.27
C ARG D 118 12.38 -9.02 -25.44
N THR D 119 12.38 -9.51 -26.67
CA THR D 119 12.62 -10.91 -26.93
C THR D 119 13.91 -11.09 -27.71
N PRO D 120 14.83 -11.92 -27.23
CA PRO D 120 16.02 -12.24 -28.03
C PRO D 120 15.63 -12.76 -29.41
N GLU D 121 16.41 -12.36 -30.41
CA GLU D 121 16.09 -12.67 -31.80
C GLU D 121 15.83 -14.15 -32.01
N ALA D 122 16.62 -15.01 -31.36
CA ALA D 122 16.50 -16.45 -31.54
C ALA D 122 15.23 -17.05 -30.93
N GLU D 123 14.51 -16.30 -30.09
CA GLU D 123 13.28 -16.80 -29.48
C GLU D 123 12.03 -16.12 -30.03
N ARG D 124 12.16 -15.31 -31.07
CA ARG D 124 11.02 -14.54 -31.58
C ARG D 124 10.04 -15.45 -32.31
N ASP D 125 8.75 -15.17 -32.15
CA ASP D 125 7.69 -15.82 -32.90
C ASP D 125 7.29 -14.88 -34.03
N HIS D 126 7.80 -15.15 -35.23
CA HIS D 126 7.60 -14.22 -36.34
C HIS D 126 6.16 -14.19 -36.80
N ALA D 127 5.44 -15.32 -36.72
CA ALA D 127 4.02 -15.29 -37.06
C ALA D 127 3.25 -14.44 -36.06
N ARG D 128 3.59 -14.56 -34.77
CA ARG D 128 2.99 -13.69 -33.76
C ARG D 128 3.38 -12.24 -33.98
N ILE D 129 4.65 -11.98 -34.31
CA ILE D 129 5.07 -10.62 -34.58
C ILE D 129 4.33 -10.06 -35.79
N ALA D 130 4.24 -10.84 -36.86
CA ALA D 130 3.58 -10.36 -38.06
C ALA D 130 2.13 -10.03 -37.80
N ALA D 131 1.45 -10.85 -36.98
CA ALA D 131 0.05 -10.60 -36.67
C ALA D 131 -0.12 -9.32 -35.88
N ALA D 132 0.71 -9.12 -34.85
CA ALA D 132 0.58 -7.91 -34.03
C ALA D 132 0.98 -6.66 -34.81
N LEU D 133 1.96 -6.78 -35.71
CA LEU D 133 2.30 -5.59 -36.48
C LEU D 133 1.23 -5.29 -37.53
N THR D 134 0.59 -6.32 -38.09
CA THR D 134 -0.48 -6.08 -39.05
C THR D 134 -1.66 -5.36 -38.40
N GLN D 135 -2.10 -5.85 -37.25
CA GLN D 135 -3.25 -5.24 -36.58
C GLN D 135 -2.93 -3.83 -36.10
N SER D 136 -1.77 -3.63 -35.46
CA SER D 136 -1.42 -2.29 -34.99
C SER D 136 -1.42 -1.29 -36.13
N GLY D 137 -0.83 -1.65 -37.28
CA GLY D 137 -0.85 -0.75 -38.42
C GLY D 137 -2.26 -0.46 -38.89
N GLU D 138 -3.13 -1.46 -38.87
CA GLU D 138 -4.50 -1.22 -39.30
C GLU D 138 -5.29 -0.41 -38.29
N LEU D 139 -5.03 -0.60 -37.00
CA LEU D 139 -5.65 0.27 -35.99
C LEU D 139 -5.19 1.70 -36.20
N LEU D 140 -3.88 1.91 -36.32
CA LEU D 140 -3.34 3.26 -36.48
C LEU D 140 -3.81 3.91 -37.78
N ALA D 141 -4.13 3.12 -38.80
CA ALA D 141 -4.69 3.69 -40.03
C ALA D 141 -6.02 4.38 -39.75
N ARG D 142 -6.81 3.85 -38.82
CA ARG D 142 -8.01 4.56 -38.37
C ARG D 142 -7.63 5.89 -37.73
N ALA D 143 -6.62 5.88 -36.86
CA ALA D 143 -6.13 7.14 -36.31
C ALA D 143 -5.59 8.04 -37.41
N ASP D 144 -4.88 7.46 -38.37
CA ASP D 144 -4.39 8.23 -39.51
C ASP D 144 -5.53 8.91 -40.27
N ALA D 145 -6.62 8.18 -40.51
CA ALA D 145 -7.77 8.76 -41.20
C ALA D 145 -8.34 9.93 -40.41
N ALA D 146 -8.54 9.75 -39.10
CA ALA D 146 -9.08 10.83 -38.28
C ALA D 146 -8.13 12.02 -38.27
N LEU D 147 -6.83 11.77 -38.12
CA LEU D 147 -5.87 12.87 -38.14
C LEU D 147 -5.73 13.50 -39.51
N ALA D 148 -6.41 12.99 -40.54
CA ALA D 148 -6.49 13.68 -41.82
C ALA D 148 -7.63 14.68 -41.88
N GLN D 149 -8.64 14.54 -41.01
CA GLN D 149 -9.74 15.50 -40.95
C GLN D 149 -9.52 16.61 -39.93
N GLN D 150 -8.74 16.34 -38.88
CA GLN D 150 -8.44 17.30 -37.84
C GLN D 150 -6.98 17.14 -37.45
N PRO D 151 -6.33 18.20 -36.94
CA PRO D 151 -4.91 18.08 -36.60
C PRO D 151 -4.64 17.24 -35.36
N TYR D 152 -5.58 17.15 -34.41
CA TYR D 152 -5.37 16.39 -33.19
C TYR D 152 -6.53 15.43 -32.98
N LEU D 153 -6.26 14.36 -32.21
CA LEU D 153 -7.32 13.44 -31.83
C LEU D 153 -8.38 14.10 -30.96
N SER D 154 -8.05 15.19 -30.29
CA SER D 154 -9.03 15.87 -29.45
C SER D 154 -9.89 16.84 -30.24
N GLY D 155 -9.55 17.11 -31.50
CA GLY D 155 -10.29 18.07 -32.29
C GLY D 155 -9.39 19.11 -32.92
N GLY D 156 -9.85 20.37 -32.91
CA GLY D 156 -9.13 21.43 -33.59
C GLY D 156 -7.84 21.84 -32.91
N ARG D 157 -7.73 21.59 -31.60
CA ARG D 157 -6.54 21.94 -30.86
C ARG D 157 -6.10 20.74 -30.02
N PHE D 158 -4.86 20.80 -29.55
CA PHE D 158 -4.31 19.75 -28.70
C PHE D 158 -5.02 19.74 -27.36
N ALA D 159 -5.30 18.53 -26.87
CA ALA D 159 -5.91 18.36 -25.55
C ALA D 159 -5.63 16.94 -25.06
N MET D 160 -6.29 16.58 -23.96
CA MET D 160 -5.97 15.33 -23.26
C MET D 160 -6.30 14.09 -24.07
N GLY D 161 -7.13 14.21 -25.11
CA GLY D 161 -7.42 13.07 -25.97
C GLY D 161 -6.22 12.56 -26.71
N ASP D 162 -5.20 13.41 -26.91
CA ASP D 162 -4.01 13.06 -27.66
C ASP D 162 -2.96 12.34 -26.82
N ILE D 163 -3.06 12.41 -25.50
CA ILE D 163 -1.95 11.99 -24.64
C ILE D 163 -1.81 10.48 -24.60
N PRO D 164 -2.88 9.68 -24.41
CA PRO D 164 -2.66 8.22 -24.36
C PRO D 164 -2.05 7.65 -25.63
N LEU D 165 -2.57 8.00 -26.81
CA LEU D 165 -1.99 7.44 -28.02
C LEU D 165 -0.65 8.07 -28.34
N GLY D 166 -0.54 9.40 -28.17
CA GLY D 166 0.72 10.07 -28.42
C GLY D 166 1.87 9.52 -27.58
N SER D 167 1.57 9.01 -26.39
CA SER D 167 2.60 8.36 -25.58
C SER D 167 2.98 7.00 -26.15
N PHE D 168 2.06 6.32 -26.83
CA PHE D 168 2.41 5.06 -27.47
C PHE D 168 3.10 5.27 -28.81
N ILE D 169 2.77 6.36 -29.51
CA ILE D 169 3.24 6.54 -30.88
C ILE D 169 4.74 6.80 -30.92
N TYR D 170 5.33 7.28 -29.82
CA TYR D 170 6.79 7.45 -29.76
C TYR D 170 7.49 6.13 -29.99
N ALA D 171 7.05 5.07 -29.29
CA ALA D 171 7.65 3.75 -29.48
C ALA D 171 7.35 3.20 -30.86
N TRP D 172 6.17 3.49 -31.40
CA TRP D 172 5.83 2.99 -32.72
C TRP D 172 6.83 3.50 -33.76
N PHE D 173 7.19 4.78 -33.69
CA PHE D 173 8.14 5.33 -34.65
C PHE D 173 9.61 5.08 -34.27
N GLU D 174 9.89 4.60 -33.07
CA GLU D 174 11.26 4.28 -32.69
C GLU D 174 11.59 2.79 -32.83
N MET D 175 10.60 1.92 -33.02
CA MET D 175 10.90 0.50 -33.06
C MET D 175 11.54 0.09 -34.38
N PRO D 176 12.33 -0.98 -34.38
CA PRO D 176 12.92 -1.46 -35.64
C PRO D 176 12.00 -2.41 -36.39
N ILE D 177 10.94 -1.85 -36.98
CA ILE D 177 9.90 -2.61 -37.67
C ILE D 177 9.61 -1.94 -39.00
N GLU D 178 9.08 -2.73 -39.95
CA GLU D 178 8.64 -2.19 -41.23
C GLU D 178 7.26 -1.58 -41.04
N ARG D 179 7.21 -0.29 -40.94
CA ARG D 179 5.93 0.35 -40.70
C ARG D 179 5.23 0.70 -42.01
N PRO D 180 3.91 0.73 -42.04
CA PRO D 180 3.22 1.27 -43.21
C PRO D 180 3.31 2.79 -43.21
N GLU D 181 3.20 3.38 -44.40
CA GLU D 181 3.33 4.83 -44.56
C GLU D 181 1.99 5.49 -44.19
N LEU D 182 1.97 6.24 -43.09
CA LEU D 182 0.76 6.89 -42.60
C LEU D 182 1.03 8.37 -42.41
N PRO D 183 1.02 9.15 -43.49
CA PRO D 183 1.52 10.52 -43.40
C PRO D 183 0.81 11.40 -42.38
N HIS D 184 -0.48 11.17 -42.13
CA HIS D 184 -1.19 12.00 -41.17
C HIS D 184 -0.83 11.64 -39.73
N LEU D 185 -0.70 10.34 -39.45
CA LEU D 185 -0.15 9.93 -38.16
C LEU D 185 1.21 10.56 -37.93
N GLN D 186 2.05 10.58 -38.97
CA GLN D 186 3.40 11.10 -38.84
C GLN D 186 3.40 12.63 -38.65
N ALA D 187 2.53 13.34 -39.38
CA ALA D 187 2.44 14.78 -39.15
C ALA D 187 1.90 15.09 -37.77
N TRP D 188 1.09 14.18 -37.20
CA TRP D 188 0.59 14.38 -35.85
C TRP D 188 1.69 14.17 -34.81
N TYR D 189 2.49 13.11 -34.98
CA TYR D 189 3.65 12.91 -34.12
C TYR D 189 4.63 14.07 -34.26
N ALA D 190 4.81 14.57 -35.49
CA ALA D 190 5.68 15.73 -35.71
C ALA D 190 5.23 16.92 -34.86
N ARG D 191 3.92 17.13 -34.74
CA ARG D 191 3.39 18.16 -33.87
C ARG D 191 3.58 17.85 -32.39
N LEU D 192 3.81 16.59 -32.03
CA LEU D 192 3.95 16.27 -30.62
C LEU D 192 5.39 16.38 -30.13
N ARG D 193 6.38 15.96 -30.92
CA ARG D 193 7.74 15.98 -30.41
C ARG D 193 8.27 17.41 -30.25
N VAL D 194 7.67 18.39 -30.92
CA VAL D 194 8.11 19.76 -30.69
C VAL D 194 7.71 20.24 -29.31
N ARG D 195 6.72 19.63 -28.70
CA ARG D 195 6.27 20.06 -27.38
C ARG D 195 7.33 19.74 -26.33
N PRO D 196 7.84 20.73 -25.60
CA PRO D 196 8.83 20.44 -24.55
C PRO D 196 8.36 19.43 -23.51
N ALA D 197 7.07 19.48 -23.13
CA ALA D 197 6.56 18.53 -22.14
C ALA D 197 6.57 17.11 -22.70
N TYR D 198 6.30 16.97 -23.99
CA TYR D 198 6.31 15.66 -24.63
C TYR D 198 7.72 15.07 -24.61
N GLN D 199 8.73 15.88 -24.88
CA GLN D 199 10.10 15.39 -24.84
C GLN D 199 10.48 14.95 -23.43
N ARG D 200 10.17 15.78 -22.43
CA ARG D 200 10.55 15.42 -21.07
C ARG D 200 9.77 14.20 -20.58
N GLY D 201 8.51 14.06 -20.98
CA GLY D 201 7.66 13.02 -20.43
C GLY D 201 7.67 11.70 -21.17
N VAL D 202 7.75 11.73 -22.49
CA VAL D 202 7.57 10.56 -23.32
C VAL D 202 8.89 10.06 -23.89
N MET D 203 9.74 10.96 -24.36
CA MET D 203 10.89 10.62 -25.19
C MET D 203 12.05 10.15 -24.31
N THR D 204 11.83 8.99 -23.71
CA THR D 204 12.75 8.38 -22.78
C THR D 204 13.16 7.02 -23.33
N ALA D 205 14.12 6.39 -22.65
CA ALA D 205 14.69 5.15 -23.14
C ALA D 205 13.62 4.07 -23.22
N LEU D 206 13.54 3.41 -24.38
CA LEU D 206 12.57 2.34 -24.60
C LEU D 206 13.21 1.01 -24.23
N THR D 207 13.37 0.80 -22.93
CA THR D 207 13.80 -0.48 -22.41
C THR D 207 12.62 -1.45 -22.39
CL CL E . 26.27 3.84 7.19
CL CL F . 17.36 -16.27 49.30
CL CL G . 13.03 7.16 16.01
CL CL H . 16.62 3.75 33.27
CL CL H . 16.87 1.70 35.06
CL CL I . 21.22 -17.61 45.29
CL CL J . 14.98 -19.33 25.05
S DMS K . -12.35 -6.67 5.79
O DMS K . -13.11 -5.49 6.31
C1 DMS K . -11.77 -6.29 4.11
C2 DMS K . -13.48 -8.05 5.48
CL CL L . -6.22 -0.13 19.77
CL CL M . -15.52 -2.99 8.55
CL CL N . 3.47 13.73 0.68
CL CL O . -0.24 19.05 17.24
S DMS P . -26.38 -14.15 -7.22
O DMS P . -26.22 -13.69 -5.81
C1 DMS P . -28.00 -14.93 -7.44
C2 DMS P . -25.27 -15.55 -7.52
S DMS Q . -20.34 14.41 -2.92
O DMS Q . -21.69 14.01 -2.41
C1 DMS Q . -20.08 16.18 -2.63
C2 DMS Q . -20.33 14.34 -4.73
S DMS R . -24.55 -19.42 -11.10
O DMS R . -25.51 -18.68 -10.24
C1 DMS R . -25.40 -20.80 -11.94
C2 DMS R . -23.38 -20.37 -10.09
CL CL S . -24.95 16.47 -29.61
CL CL T . -19.97 -0.49 3.05
CL CL U . -19.42 10.32 -4.96
CL CL V . -21.23 16.61 -7.85
CL CL W . -10.90 -20.75 -24.41
CL CL X . -20.80 -16.68 -4.87
CL CL Y . -21.70 10.65 -0.54
CL CL Z . 5.71 0.89 -25.56
CL CL AA . -11.02 20.75 -29.50
CL CL BA . 7.41 5.26 -41.52
CL CL CA . 2.29 3.50 -3.98
CL CL DA . 1.45 -5.68 -11.29
CL CL EA . -11.95 6.03 -38.95
CL CL FA . -11.31 23.24 -10.46
#